data_4WJU
#
_entry.id   4WJU
#
_cell.length_a   96.870
_cell.length_b   108.470
_cell.length_c   261.910
_cell.angle_alpha   90.00
_cell.angle_beta   90.00
_cell.angle_gamma   90.00
#
_symmetry.space_group_name_H-M   'I 2 2 2'
#
loop_
_entity.id
_entity.type
_entity.pdbx_description
1 polymer 'Ribosome assembly protein 4'
2 non-polymer GLYCEROL
#
_entity_poly.entity_id   1
_entity_poly.type   'polypeptide(L)'
_entity_poly.pdbx_seq_one_letter_code
;MSTLIPPPSKKQKKEAQLPREVAIIPKDLPNVSIKFQALDTGDNVGGALRVPGAISEKQLEELLNQLNGTSDDPVPYTFS
CTIQGKKASDPVKTIDITDNLYSSLIKPGYNSTEDQITLLYTPRAVFKVKPVTRSSSAIAGHGSTILCSAFAPHTSSRMV
TGAGDNTARIWDCDTQTPMHTLKGHYNWVLCVSWSPDGEVIATGSMDNTIRLWDPKSGQCLGDALRGHSKWITSLSWEPI
HLVKPGSKPRLASSSKDGTIKIWDTVSRVCQYTMSGHTNSVSCVKWGGQGLLYSGSHDRTVRVWDINSQGRCINILKSHA
HWVNHLSLSTDYALRIGAFDHTGKKPSTPEEAQKKALENYEKICKKNGNSEEMMVTASDDYTMFLWNPLKSTKPIARMTG
HQKLVNHVAFSPDGRYIVSASFDNSIKLWDGRDGKFISTFRGHVASVYQVAWSSDCRLLVSCSKDTTLKVWDVRTRKLSV
DLPGHKDEVYTVDWSVDGKRVCSGGKDKMVRLWTH
;
_entity_poly.pdbx_strand_id   A,B
#
loop_
_chem_comp.id
_chem_comp.type
_chem_comp.name
_chem_comp.formula
GOL non-polymer GLYCEROL 'C3 H8 O3'
#
# COMPACT_ATOMS: atom_id res chain seq x y z
N SER A 33 5.25 32.27 52.38
CA SER A 33 3.93 31.66 52.21
C SER A 33 4.04 30.32 51.48
N ILE A 34 3.24 29.36 51.92
CA ILE A 34 3.33 28.00 51.42
C ILE A 34 1.95 27.37 51.22
N LYS A 35 1.78 26.66 50.11
CA LYS A 35 0.53 25.95 49.84
C LYS A 35 0.81 24.47 49.60
N PHE A 36 -0.08 23.60 50.06
CA PHE A 36 0.10 22.16 49.89
C PHE A 36 -0.81 21.58 48.82
N GLN A 37 -0.21 21.00 47.79
CA GLN A 37 -0.96 20.33 46.72
C GLN A 37 -0.36 18.96 46.41
N ALA A 38 -1.20 17.94 46.24
CA ALA A 38 -0.71 16.62 45.91
C ALA A 38 -0.28 16.54 44.45
N LEU A 39 0.57 15.56 44.13
CA LEU A 39 0.95 15.31 42.73
C LEU A 39 -0.28 14.86 41.93
N ASP A 40 -1.24 14.27 42.63
CA ASP A 40 -2.53 13.93 42.03
C ASP A 40 -3.16 15.17 41.42
N THR A 41 -3.67 16.06 42.27
CA THR A 41 -4.10 17.41 41.88
C THR A 41 -4.63 18.21 43.07
N GLY A 42 -5.06 17.49 44.10
CA GLY A 42 -5.78 18.08 45.22
C GLY A 42 -5.00 19.06 46.07
N ASP A 43 -5.57 20.25 46.24
CA ASP A 43 -4.98 21.26 47.10
C ASP A 43 -5.41 21.04 48.54
N ASN A 44 -4.43 20.86 49.44
CA ASN A 44 -4.70 20.62 50.85
C ASN A 44 -3.53 21.00 51.74
N ALA A 48 -4.56 24.95 54.70
CA ALA A 48 -4.63 25.42 53.33
C ALA A 48 -3.45 26.34 52.99
N LEU A 49 -3.65 27.64 53.16
CA LEU A 49 -2.61 28.64 52.87
C LEU A 49 -1.93 29.13 54.14
N ARG A 50 -0.61 28.94 54.21
CA ARG A 50 0.17 29.24 55.40
C ARG A 50 1.48 29.96 55.04
N VAL A 51 2.12 30.62 56.01
CA VAL A 51 3.25 31.50 55.70
C VAL A 51 4.54 31.35 56.56
N PRO A 52 4.73 30.21 57.25
CA PRO A 52 5.77 30.29 58.29
C PRO A 52 7.19 30.40 57.73
N GLY A 53 8.07 31.06 58.48
CA GLY A 53 9.43 31.31 58.02
C GLY A 53 10.23 30.05 57.76
N ALA A 54 11.29 30.19 56.96
CA ALA A 54 12.13 29.08 56.49
C ALA A 54 12.35 27.97 57.52
N ILE A 55 11.95 26.76 57.17
CA ILE A 55 11.91 25.65 58.12
C ILE A 55 12.74 24.45 57.70
N SER A 56 12.82 23.48 58.61
CA SER A 56 13.44 22.19 58.32
C SER A 56 12.50 21.33 57.49
N GLU A 57 13.07 20.56 56.58
CA GLU A 57 12.30 19.66 55.71
C GLU A 57 11.47 18.67 56.53
N LYS A 58 12.07 18.13 57.59
CA LYS A 58 11.42 17.14 58.44
C LYS A 58 10.14 17.69 59.06
N GLN A 59 10.17 18.97 59.37
CA GLN A 59 9.02 19.66 59.94
C GLN A 59 7.84 19.75 58.98
N LEU A 60 8.14 19.95 57.71
CA LEU A 60 7.11 20.10 56.69
C LEU A 60 6.24 18.85 56.58
N GLU A 61 6.83 17.68 56.83
CA GLU A 61 6.06 16.45 56.92
C GLU A 61 5.12 16.54 58.10
N GLU A 62 5.72 16.78 59.26
CA GLU A 62 5.03 16.86 60.54
C GLU A 62 3.84 17.82 60.48
N LEU A 63 4.00 18.93 59.77
CA LEU A 63 2.92 19.88 59.58
C LEU A 63 1.79 19.26 58.73
N LEU A 64 2.16 18.77 57.56
CA LEU A 64 1.21 18.11 56.66
C LEU A 64 0.60 16.87 57.30
N ASN A 65 1.40 16.16 58.09
CA ASN A 65 0.92 15.03 58.87
C ASN A 65 -0.09 15.48 59.93
N GLN A 66 0.25 16.57 60.62
CA GLN A 66 -0.57 17.08 61.72
C GLN A 66 -1.98 17.45 61.28
N LEU A 67 -2.12 17.85 60.01
CA LEU A 67 -3.43 18.20 59.47
C LEU A 67 -4.31 16.96 59.35
N ASN A 68 -3.78 15.90 58.77
CA ASN A 68 -4.55 14.67 58.56
C ASN A 68 -4.46 13.71 59.74
N GLY A 69 -3.74 14.11 60.78
CA GLY A 69 -3.62 13.31 61.98
C GLY A 69 -2.96 11.97 61.73
N THR A 70 -2.03 11.94 60.77
CA THR A 70 -1.34 10.70 60.40
C THR A 70 -0.41 10.24 61.52
N SER A 71 -0.12 11.16 62.43
CA SER A 71 0.71 10.87 63.59
C SER A 71 -0.08 10.17 64.69
N VAL A 75 3.43 8.96 58.64
CA VAL A 75 3.38 8.91 57.18
C VAL A 75 4.40 9.86 56.54
N PRO A 76 5.54 9.31 56.10
CA PRO A 76 6.63 10.10 55.49
C PRO A 76 6.21 10.80 54.20
N TYR A 77 6.96 11.83 53.82
CA TYR A 77 6.65 12.59 52.60
C TYR A 77 7.89 13.15 51.93
N THR A 78 7.79 13.37 50.62
CA THR A 78 8.78 14.13 49.87
C THR A 78 8.09 15.30 49.19
N PHE A 79 8.75 16.44 49.15
CA PHE A 79 8.10 17.65 48.65
C PHE A 79 8.73 18.19 47.37
N SER A 80 7.90 18.81 46.54
CA SER A 80 8.34 19.29 45.23
C SER A 80 7.94 20.74 44.98
N CYS A 81 8.73 21.45 44.19
CA CYS A 81 8.43 22.84 43.86
C CYS A 81 9.00 23.23 42.49
N THR A 82 8.85 24.50 42.13
CA THR A 82 9.24 25.06 40.83
C THR A 82 8.50 24.40 39.67
N ILE A 83 7.37 23.74 39.96
CA ILE A 83 6.53 23.16 38.93
C ILE A 83 5.11 23.70 39.05
N LYS A 87 10.20 22.69 32.50
CA LYS A 87 11.52 22.47 33.11
C LYS A 87 11.52 22.72 34.62
N ALA A 88 12.64 23.23 35.12
CA ALA A 88 12.92 23.28 36.56
C ALA A 88 12.74 21.91 37.22
N SER A 89 11.63 21.76 37.93
CA SER A 89 11.18 20.48 38.51
C SER A 89 12.09 19.89 39.58
N ASP A 90 13.17 20.58 39.93
CA ASP A 90 14.14 20.05 40.90
C ASP A 90 14.09 20.74 42.27
N PRO A 91 13.63 20.01 43.30
CA PRO A 91 13.80 20.37 44.71
C PRO A 91 14.64 19.36 45.49
N TYR A 102 15.01 26.47 52.35
CA TYR A 102 15.20 27.85 51.91
C TYR A 102 16.27 27.95 50.83
N SER A 103 16.93 26.84 50.54
CA SER A 103 18.01 26.82 49.56
C SER A 103 17.47 27.16 48.18
N SER A 104 16.18 26.95 47.97
CA SER A 104 15.51 27.33 46.73
C SER A 104 15.34 28.84 46.67
N LEU A 105 15.51 29.50 47.80
CA LEU A 105 15.45 30.96 47.87
C LEU A 105 16.86 31.57 47.88
N ILE A 106 17.87 30.71 47.92
CA ILE A 106 19.26 31.16 47.76
C ILE A 106 19.58 31.16 46.26
N LYS A 107 18.68 30.58 45.47
CA LYS A 107 18.83 30.46 44.02
C LYS A 107 18.45 31.72 43.21
N PRO A 108 17.38 32.45 43.61
CA PRO A 108 17.10 33.70 42.89
C PRO A 108 18.28 34.68 42.90
N GLN A 116 4.78 33.66 46.31
CA GLN A 116 4.65 32.60 47.31
C GLN A 116 4.87 31.23 46.68
N ILE A 117 5.02 30.20 47.51
CA ILE A 117 5.42 28.88 47.03
C ILE A 117 4.35 27.81 47.20
N THR A 118 4.11 27.05 46.13
CA THR A 118 3.23 25.90 46.19
C THR A 118 4.06 24.63 46.36
N LEU A 119 3.71 23.81 47.35
CA LEU A 119 4.52 22.64 47.68
C LEU A 119 3.84 21.33 47.26
N LEU A 120 4.39 20.67 46.26
CA LEU A 120 3.84 19.40 45.78
C LEU A 120 4.33 18.25 46.66
N TYR A 121 3.39 17.52 47.26
CA TYR A 121 3.74 16.47 48.19
C TYR A 121 3.39 15.08 47.67
N THR A 122 4.25 14.11 47.98
CA THR A 122 4.01 12.72 47.60
C THR A 122 4.67 11.78 48.62
N PRO A 123 3.93 10.71 48.99
CA PRO A 123 4.43 9.72 49.96
C PRO A 123 5.71 9.04 49.49
N ARG A 124 6.57 8.64 50.42
CA ARG A 124 7.80 7.94 50.07
C ARG A 124 7.51 6.54 49.57
N ALA A 125 6.46 5.92 50.09
CA ALA A 125 6.11 4.55 49.73
C ALA A 125 5.68 4.45 48.27
N VAL A 126 5.25 5.58 47.70
CA VAL A 126 4.85 5.63 46.31
C VAL A 126 6.07 5.68 45.39
N PHE A 127 6.10 4.78 44.41
CA PHE A 127 7.21 4.70 43.47
C PHE A 127 7.16 5.83 42.44
N LYS A 128 8.30 6.46 42.20
CA LYS A 128 8.39 7.53 41.21
C LYS A 128 9.63 7.38 40.32
N VAL A 129 9.40 7.26 39.01
CA VAL A 129 10.48 7.14 38.04
C VAL A 129 11.18 8.48 37.81
N LYS A 130 12.50 8.50 37.92
CA LYS A 130 13.29 9.70 37.66
C LYS A 130 13.50 9.92 36.17
N PRO A 131 13.40 11.18 35.72
CA PRO A 131 13.66 11.54 34.33
C PRO A 131 15.08 11.23 33.89
N VAL A 132 15.20 10.54 32.77
CA VAL A 132 16.49 10.22 32.17
C VAL A 132 17.23 11.48 31.74
N THR A 133 18.54 11.51 31.96
CA THR A 133 19.30 12.73 31.76
C THR A 133 20.55 12.53 30.92
N ARG A 134 21.26 11.43 31.14
CA ARG A 134 22.55 11.31 30.47
C ARG A 134 22.69 10.05 29.64
N SER A 135 23.70 10.08 28.79
CA SER A 135 23.91 9.08 27.76
C SER A 135 25.24 8.37 27.95
N SER A 136 25.22 7.04 27.94
CA SER A 136 26.45 6.28 27.88
C SER A 136 27.13 6.50 26.53
N SER A 137 28.30 5.91 26.35
CA SER A 137 28.95 5.90 25.05
C SER A 137 28.16 4.98 24.12
N ALA A 138 28.10 5.33 22.85
CA ALA A 138 27.34 4.55 21.86
C ALA A 138 27.92 3.14 21.69
N ILE A 139 27.05 2.15 21.71
CA ILE A 139 27.49 0.76 21.63
C ILE A 139 27.33 0.22 20.21
N ALA A 140 28.44 -0.26 19.63
CA ALA A 140 28.44 -0.77 18.27
C ALA A 140 28.11 -2.26 18.21
N GLY A 141 27.69 -2.73 17.04
CA GLY A 141 27.34 -4.13 16.86
C GLY A 141 26.59 -4.41 15.57
N HIS A 142 25.50 -3.69 15.35
CA HIS A 142 24.67 -3.92 14.17
C HIS A 142 25.31 -3.41 12.87
N GLY A 143 25.04 -4.11 11.78
CA GLY A 143 25.63 -3.78 10.49
C GLY A 143 24.97 -2.63 9.75
N SER A 144 23.67 -2.41 9.99
CA SER A 144 22.95 -1.29 9.43
C SER A 144 21.93 -0.73 10.43
N THR A 145 20.97 0.03 9.93
CA THR A 145 20.02 0.75 10.78
C THR A 145 19.20 -0.15 11.70
N ILE A 146 19.00 0.31 12.93
CA ILE A 146 18.22 -0.43 13.92
C ILE A 146 16.73 -0.10 13.84
N LEU A 147 15.89 -1.13 13.80
CA LEU A 147 14.48 -0.97 13.48
C LEU A 147 13.55 -1.15 14.67
N CYS A 148 13.98 -1.94 15.66
CA CYS A 148 13.13 -2.20 16.81
C CYS A 148 13.95 -2.51 18.06
N SER A 149 13.37 -2.23 19.23
CA SER A 149 14.04 -2.48 20.50
C SER A 149 13.03 -2.74 21.60
N ALA A 150 13.42 -3.55 22.58
CA ALA A 150 12.52 -3.94 23.67
C ALA A 150 13.26 -4.45 24.90
N PHE A 151 13.03 -3.79 26.04
CA PHE A 151 13.59 -4.28 27.30
C PHE A 151 12.90 -5.57 27.72
N ALA A 152 13.55 -6.32 28.60
CA ALA A 152 12.92 -7.50 29.17
C ALA A 152 11.90 -7.08 30.23
N PRO A 153 10.85 -7.89 30.43
CA PRO A 153 9.79 -7.56 31.38
C PRO A 153 10.18 -7.80 32.84
N HIS A 154 11.28 -8.50 33.06
CA HIS A 154 11.64 -8.92 34.41
C HIS A 154 12.95 -8.31 34.88
N THR A 155 13.66 -7.65 33.98
CA THR A 155 14.93 -7.03 34.33
C THR A 155 15.31 -5.90 33.39
N SER A 156 16.07 -4.93 33.89
CA SER A 156 16.51 -3.81 33.08
C SER A 156 17.97 -3.98 32.70
N SER A 157 18.46 -5.21 32.85
CA SER A 157 19.84 -5.52 32.49
C SER A 157 19.92 -6.15 31.10
N ARG A 158 18.75 -6.47 30.53
CA ARG A 158 18.66 -7.09 29.21
C ARG A 158 17.80 -6.28 28.24
N MET A 159 18.25 -6.21 26.99
CA MET A 159 17.51 -5.51 25.95
C MET A 159 17.79 -6.14 24.58
N VAL A 160 16.77 -6.21 23.73
CA VAL A 160 16.95 -6.80 22.40
C VAL A 160 16.69 -5.79 21.28
N THR A 161 17.49 -5.85 20.23
CA THR A 161 17.30 -4.97 19.06
C THR A 161 17.15 -5.77 17.77
N GLY A 162 16.56 -5.13 16.76
CA GLY A 162 16.41 -5.73 15.45
C GLY A 162 16.83 -4.75 14.38
N ALA A 163 17.73 -5.18 13.49
CA ALA A 163 18.27 -4.28 12.48
C ALA A 163 18.08 -4.80 11.06
N GLY A 164 18.50 -4.00 10.09
CA GLY A 164 18.37 -4.34 8.70
C GLY A 164 19.54 -5.14 8.19
N ASP A 165 20.29 -5.71 9.13
CA ASP A 165 21.38 -6.62 8.80
C ASP A 165 20.98 -8.07 9.07
N ASN A 166 19.67 -8.30 9.12
CA ASN A 166 19.09 -9.64 9.28
C ASN A 166 19.40 -10.27 10.63
N THR A 167 19.77 -9.47 11.60
CA THR A 167 20.12 -9.98 12.91
C THR A 167 19.38 -9.28 14.04
N ALA A 168 19.21 -9.99 15.14
CA ALA A 168 18.79 -9.39 16.39
C ALA A 168 19.91 -9.55 17.41
N ARG A 169 20.00 -8.61 18.35
CA ARG A 169 21.05 -8.67 19.35
C ARG A 169 20.52 -8.50 20.75
N ILE A 170 21.07 -9.28 21.68
CA ILE A 170 20.76 -9.14 23.09
C ILE A 170 21.89 -8.40 23.77
N TRP A 171 21.57 -7.36 24.54
CA TRP A 171 22.58 -6.52 25.16
C TRP A 171 22.59 -6.62 26.68
N ASP A 172 23.77 -6.48 27.27
CA ASP A 172 23.91 -6.39 28.72
C ASP A 172 23.95 -4.91 29.12
N CYS A 173 22.83 -4.42 29.61
CA CYS A 173 22.65 -3.00 29.87
C CYS A 173 23.39 -2.54 31.11
N ASP A 174 23.80 -3.48 31.95
CA ASP A 174 24.57 -3.17 33.15
C ASP A 174 26.00 -2.76 32.81
N THR A 175 26.56 -3.42 31.80
CA THR A 175 27.93 -3.15 31.38
C THR A 175 28.00 -2.43 30.03
N GLN A 176 26.83 -2.17 29.44
CA GLN A 176 26.74 -1.55 28.12
C GLN A 176 27.55 -2.31 27.07
N THR A 177 27.38 -3.63 27.03
CA THR A 177 28.14 -4.45 26.11
C THR A 177 27.23 -5.38 25.30
N PRO A 178 27.69 -5.78 24.11
CA PRO A 178 26.96 -6.81 23.34
C PRO A 178 27.07 -8.16 24.04
N MET A 179 25.99 -8.91 24.04
CA MET A 179 25.96 -10.18 24.77
C MET A 179 25.77 -11.35 23.80
N HIS A 180 24.76 -11.25 22.95
CA HIS A 180 24.53 -12.27 21.93
C HIS A 180 24.12 -11.67 20.59
N THR A 181 24.48 -12.36 19.51
CA THR A 181 24.02 -12.00 18.19
C THR A 181 23.12 -13.12 17.69
N LEU A 182 21.89 -12.77 17.33
CA LEU A 182 20.92 -13.77 16.89
C LEU A 182 20.91 -13.85 15.36
N LYS A 183 21.44 -14.96 14.82
CA LYS A 183 21.55 -15.14 13.38
C LYS A 183 20.65 -16.28 12.89
N GLY A 184 20.06 -16.10 11.71
CA GLY A 184 19.14 -17.07 11.16
C GLY A 184 18.13 -16.53 10.16
N HIS A 185 17.76 -15.26 10.29
CA HIS A 185 16.86 -14.68 9.32
C HIS A 185 17.66 -14.34 8.08
N TYR A 186 17.02 -14.43 6.91
CA TYR A 186 17.69 -14.04 5.69
C TYR A 186 17.11 -12.76 5.14
N ASN A 187 16.53 -11.96 6.03
CA ASN A 187 16.11 -10.61 5.69
C ASN A 187 15.93 -9.78 6.96
N TRP A 188 15.49 -8.54 6.82
CA TRP A 188 15.40 -7.61 7.94
C TRP A 188 14.57 -8.13 9.10
N VAL A 189 15.05 -7.87 10.32
CA VAL A 189 14.24 -8.11 11.52
C VAL A 189 13.39 -6.87 11.80
N LEU A 190 12.07 -7.03 11.71
CA LEU A 190 11.15 -5.90 11.78
C LEU A 190 10.54 -5.70 13.16
N CYS A 191 10.42 -6.78 13.93
CA CYS A 191 9.87 -6.68 15.26
C CYS A 191 10.47 -7.71 16.23
N VAL A 192 10.80 -7.24 17.43
CA VAL A 192 11.27 -8.09 18.51
C VAL A 192 10.32 -7.96 19.69
N SER A 193 9.97 -9.08 20.32
CA SER A 193 9.09 -9.03 21.48
C SER A 193 9.39 -10.14 22.49
N TRP A 194 9.70 -9.74 23.72
CA TRP A 194 9.88 -10.68 24.82
C TRP A 194 8.57 -11.35 25.19
N SER A 195 8.62 -12.62 25.55
CA SER A 195 7.43 -13.27 26.11
C SER A 195 7.20 -12.69 27.50
N PRO A 196 5.93 -12.54 27.90
CA PRO A 196 5.57 -11.85 29.16
C PRO A 196 6.12 -12.53 30.42
N ASP A 197 6.65 -13.74 30.32
CA ASP A 197 7.31 -14.35 31.47
C ASP A 197 8.82 -14.20 31.35
N GLY A 198 9.25 -13.60 30.25
CA GLY A 198 10.65 -13.27 30.04
C GLY A 198 11.55 -14.45 29.70
N GLU A 199 10.94 -15.59 29.37
CA GLU A 199 11.70 -16.79 29.12
C GLU A 199 12.12 -16.94 27.65
N VAL A 200 11.34 -16.37 26.74
CA VAL A 200 11.57 -16.54 25.30
C VAL A 200 11.58 -15.19 24.57
N ILE A 201 12.41 -15.07 23.55
CA ILE A 201 12.36 -13.91 22.66
C ILE A 201 11.85 -14.33 21.27
N ALA A 202 10.93 -13.56 20.70
CA ALA A 202 10.45 -13.84 19.35
C ALA A 202 10.79 -12.69 18.39
N THR A 203 11.16 -13.06 17.16
CA THR A 203 11.54 -12.09 16.16
C THR A 203 10.74 -12.30 14.88
N GLY A 204 10.03 -11.26 14.44
CA GLY A 204 9.28 -11.31 13.20
C GLY A 204 10.11 -10.65 12.12
N SER A 205 10.20 -11.29 10.96
CA SER A 205 11.16 -10.85 9.96
C SER A 205 10.53 -10.58 8.61
N MET A 206 11.30 -9.87 7.78
CA MET A 206 10.96 -9.61 6.39
C MET A 206 11.11 -10.87 5.53
N ASP A 207 11.73 -11.92 6.07
CA ASP A 207 11.83 -13.19 5.35
C ASP A 207 10.58 -14.05 5.56
N ASN A 208 9.52 -13.43 6.09
CA ASN A 208 8.22 -14.07 6.30
C ASN A 208 8.20 -15.08 7.45
N THR A 209 9.28 -15.17 8.21
CA THR A 209 9.35 -16.16 9.27
C THR A 209 9.39 -15.57 10.68
N ILE A 210 9.19 -16.45 11.65
CA ILE A 210 9.30 -16.11 13.06
C ILE A 210 10.28 -17.05 13.74
N ARG A 211 11.22 -16.49 14.48
CA ARG A 211 12.17 -17.32 15.19
C ARG A 211 12.08 -17.10 16.68
N LEU A 212 12.19 -18.19 17.43
CA LEU A 212 12.21 -18.13 18.89
C LEU A 212 13.63 -18.33 19.40
N TRP A 213 14.05 -17.47 20.33
CA TRP A 213 15.41 -17.50 20.86
C TRP A 213 15.40 -17.67 22.37
N ASP A 214 16.50 -18.20 22.91
CA ASP A 214 16.72 -18.24 24.36
C ASP A 214 17.54 -17.03 24.76
N PRO A 215 16.97 -16.15 25.59
CA PRO A 215 17.63 -14.90 25.98
C PRO A 215 18.93 -15.12 26.73
N LYS A 216 19.05 -16.22 27.45
CA LYS A 216 20.24 -16.46 28.27
C LYS A 216 21.42 -16.98 27.45
N SER A 217 21.19 -18.01 26.63
CA SER A 217 22.27 -18.62 25.86
C SER A 217 22.43 -18.05 24.46
N GLY A 218 21.38 -17.43 23.94
CA GLY A 218 21.40 -16.88 22.60
C GLY A 218 21.08 -17.93 21.55
N GLN A 219 20.81 -19.15 21.99
CA GLN A 219 20.46 -20.25 21.10
C GLN A 219 19.08 -20.08 20.47
N CYS A 220 18.98 -20.36 19.18
CA CYS A 220 17.69 -20.39 18.51
C CYS A 220 16.99 -21.69 18.89
N LEU A 221 15.70 -21.60 19.24
CA LEU A 221 14.95 -22.77 19.66
C LEU A 221 14.45 -23.60 18.47
N GLY A 222 15.35 -24.35 17.84
CA GLY A 222 14.96 -25.20 16.74
C GLY A 222 14.85 -24.48 15.41
N ASP A 223 13.87 -24.88 14.61
CA ASP A 223 13.68 -24.26 13.31
C ASP A 223 12.76 -23.03 13.43
N ALA A 224 12.72 -22.24 12.38
CA ALA A 224 11.87 -21.05 12.37
C ALA A 224 10.41 -21.44 12.33
N LEU A 225 9.54 -20.50 12.69
CA LEU A 225 8.10 -20.70 12.52
C LEU A 225 7.71 -20.27 11.10
N ARG A 226 7.29 -21.22 10.28
CA ARG A 226 7.01 -20.94 8.88
C ARG A 226 5.53 -21.12 8.53
N GLY A 227 5.04 -20.29 7.61
CA GLY A 227 3.64 -20.34 7.22
C GLY A 227 3.18 -19.12 6.45
N HIS A 228 3.59 -17.94 6.91
CA HIS A 228 3.24 -16.68 6.25
C HIS A 228 3.95 -16.54 4.91
N SER A 229 3.25 -15.99 3.93
CA SER A 229 3.77 -15.82 2.58
C SER A 229 4.18 -14.38 2.29
N LYS A 230 4.06 -13.53 3.31
CA LYS A 230 4.54 -12.15 3.22
C LYS A 230 5.09 -11.73 4.57
N TRP A 231 5.67 -10.54 4.65
CA TRP A 231 6.47 -10.17 5.81
C TRP A 231 5.63 -9.97 7.05
N ILE A 232 6.27 -10.14 8.21
CA ILE A 232 5.60 -10.05 9.50
C ILE A 232 5.34 -8.60 9.91
N THR A 233 4.10 -8.31 10.30
CA THR A 233 3.71 -6.95 10.62
C THR A 233 3.63 -6.68 12.13
N SER A 234 3.28 -7.70 12.91
CA SER A 234 3.21 -7.55 14.36
C SER A 234 3.27 -8.89 15.08
N LEU A 235 3.67 -8.83 16.34
CA LEU A 235 3.73 -10.00 17.22
C LEU A 235 3.04 -9.69 18.53
N SER A 236 2.27 -10.64 19.04
CA SER A 236 1.54 -10.41 20.29
C SER A 236 1.39 -11.70 21.06
N TRP A 237 1.99 -11.72 22.25
CA TRP A 237 1.98 -12.89 23.13
C TRP A 237 0.70 -13.01 23.93
N GLU A 238 0.26 -14.24 24.17
CA GLU A 238 -0.88 -14.50 25.03
C GLU A 238 -0.57 -14.08 26.46
N PRO A 239 -1.44 -13.27 27.07
CA PRO A 239 -1.24 -12.76 28.44
C PRO A 239 -1.11 -13.86 29.50
N ILE A 240 -0.23 -13.64 30.48
CA ILE A 240 0.08 -14.64 31.49
C ILE A 240 -1.11 -15.07 32.35
N HIS A 241 -2.01 -14.14 32.63
CA HIS A 241 -3.14 -14.42 33.51
C HIS A 241 -4.19 -15.34 32.88
N LEU A 242 -4.10 -15.52 31.57
CA LEU A 242 -5.02 -16.41 30.86
C LEU A 242 -4.37 -17.76 30.60
N VAL A 243 -3.09 -17.87 30.92
CA VAL A 243 -2.34 -19.10 30.69
C VAL A 243 -2.46 -20.06 31.86
N LYS A 244 -2.84 -21.30 31.54
CA LYS A 244 -2.91 -22.37 32.53
C LYS A 244 -1.55 -22.57 33.18
N PRO A 245 -1.51 -22.52 34.52
CA PRO A 245 -0.25 -22.61 35.28
C PRO A 245 0.58 -23.83 34.92
N GLY A 246 1.82 -23.61 34.49
CA GLY A 246 2.68 -24.70 34.08
C GLY A 246 2.81 -24.76 32.58
N SER A 247 1.90 -24.09 31.88
CA SER A 247 1.95 -23.98 30.44
C SER A 247 2.58 -22.65 30.03
N LYS A 248 2.87 -22.51 28.73
CA LYS A 248 3.49 -21.29 28.23
C LYS A 248 2.54 -20.47 27.36
N PRO A 249 2.77 -19.14 27.30
CA PRO A 249 1.98 -18.26 26.45
C PRO A 249 2.16 -18.54 24.96
N ARG A 250 1.05 -18.60 24.24
CA ARG A 250 1.08 -18.78 22.79
C ARG A 250 1.45 -17.47 22.12
N LEU A 251 1.76 -17.53 20.83
CA LEU A 251 2.21 -16.35 20.10
C LEU A 251 1.30 -16.08 18.92
N ALA A 252 0.78 -14.85 18.85
CA ALA A 252 -0.01 -14.43 17.70
C ALA A 252 0.85 -13.58 16.79
N SER A 253 0.71 -13.76 15.48
CA SER A 253 1.45 -12.95 14.53
C SER A 253 0.58 -12.50 13.38
N SER A 254 0.80 -11.28 12.90
CA SER A 254 0.09 -10.80 11.72
C SER A 254 1.06 -10.62 10.57
N SER A 255 0.58 -10.85 9.35
CA SER A 255 1.43 -10.71 8.17
C SER A 255 0.79 -9.82 7.11
N LYS A 256 1.61 -9.31 6.21
CA LYS A 256 1.13 -8.55 5.07
C LYS A 256 0.34 -9.42 4.09
N ASP A 257 0.37 -10.73 4.27
CA ASP A 257 -0.39 -11.64 3.40
C ASP A 257 -1.87 -11.69 3.74
N GLY A 258 -2.24 -11.07 4.87
CA GLY A 258 -3.63 -11.01 5.29
C GLY A 258 -4.08 -12.10 6.24
N THR A 259 -3.13 -12.79 6.88
CA THR A 259 -3.50 -13.83 7.84
C THR A 259 -2.99 -13.50 9.25
N ILE A 260 -3.66 -14.08 10.26
CA ILE A 260 -3.18 -14.09 11.63
C ILE A 260 -2.99 -15.54 12.05
N LYS A 261 -1.79 -15.90 12.49
CA LYS A 261 -1.57 -17.26 12.97
C LYS A 261 -1.38 -17.30 14.48
N ILE A 262 -1.86 -18.39 15.09
CA ILE A 262 -1.65 -18.65 16.50
C ILE A 262 -0.68 -19.81 16.65
N TRP A 263 0.46 -19.54 17.27
CA TRP A 263 1.52 -20.54 17.41
C TRP A 263 1.62 -21.10 18.82
N ASP A 264 1.66 -22.42 18.91
CA ASP A 264 2.00 -23.11 20.15
C ASP A 264 3.53 -23.26 20.13
N THR A 265 4.21 -22.54 21.02
CA THR A 265 5.67 -22.52 21.01
C THR A 265 6.27 -23.78 21.62
N VAL A 266 5.48 -24.53 22.37
CA VAL A 266 6.01 -25.71 23.03
C VAL A 266 5.89 -26.95 22.16
N SER A 267 4.67 -27.29 21.74
CA SER A 267 4.47 -28.44 20.86
C SER A 267 4.96 -28.11 19.46
N ARG A 268 5.26 -26.83 19.24
CA ARG A 268 5.82 -26.33 17.98
C ARG A 268 4.89 -26.62 16.79
N VAL A 269 3.73 -25.99 16.81
CA VAL A 269 2.64 -26.28 15.88
C VAL A 269 1.75 -25.05 15.72
N CYS A 270 1.24 -24.81 14.51
CA CYS A 270 0.29 -23.71 14.27
C CYS A 270 -1.14 -24.17 14.52
N GLN A 271 -1.79 -23.55 15.51
CA GLN A 271 -3.11 -23.95 15.96
C GLN A 271 -4.21 -23.45 15.03
N TYR A 272 -4.23 -22.14 14.81
CA TYR A 272 -5.26 -21.51 14.00
C TYR A 272 -4.71 -20.45 13.04
N THR A 273 -5.37 -20.29 11.91
CA THR A 273 -5.06 -19.22 10.97
C THR A 273 -6.31 -18.38 10.75
N MET A 274 -6.26 -17.12 11.16
CA MET A 274 -7.39 -16.21 10.98
C MET A 274 -7.25 -15.40 9.70
N SER A 275 -7.65 -16.01 8.59
CA SER A 275 -7.85 -15.31 7.33
C SER A 275 -9.30 -14.87 7.30
N GLY A 276 -9.54 -13.62 6.93
CA GLY A 276 -10.86 -13.05 7.02
C GLY A 276 -10.82 -11.63 6.48
N HIS A 277 -9.76 -10.92 6.83
CA HIS A 277 -9.48 -9.63 6.22
C HIS A 277 -9.21 -9.86 4.75
N THR A 278 -9.64 -8.92 3.92
CA THR A 278 -9.55 -9.07 2.47
C THR A 278 -8.32 -8.36 1.93
N ASN A 279 -7.47 -7.92 2.85
CA ASN A 279 -6.28 -7.17 2.51
C ASN A 279 -5.20 -7.49 3.54
N SER A 280 -4.07 -6.79 3.47
CA SER A 280 -2.99 -7.00 4.41
C SER A 280 -3.40 -6.63 5.83
N VAL A 281 -2.98 -7.44 6.79
CA VAL A 281 -3.23 -7.16 8.20
C VAL A 281 -2.11 -6.33 8.81
N SER A 282 -2.49 -5.17 9.34
CA SER A 282 -1.56 -4.17 9.84
C SER A 282 -0.99 -4.54 11.21
N CYS A 283 -1.85 -4.99 12.12
CA CYS A 283 -1.46 -5.26 13.49
C CYS A 283 -2.48 -6.12 14.23
N VAL A 284 -2.01 -6.86 15.23
CA VAL A 284 -2.91 -7.67 16.05
C VAL A 284 -2.55 -7.51 17.52
N LYS A 285 -3.54 -7.65 18.40
CA LYS A 285 -3.30 -7.47 19.83
C LYS A 285 -4.08 -8.52 20.61
N TRP A 286 -3.37 -9.24 21.47
CA TRP A 286 -4.00 -10.29 22.25
C TRP A 286 -4.49 -9.75 23.59
N GLY A 287 -5.80 -9.56 23.72
CA GLY A 287 -6.40 -8.98 24.90
C GLY A 287 -6.56 -9.95 26.05
N GLY A 288 -6.94 -9.42 27.21
CA GLY A 288 -7.07 -10.21 28.43
C GLY A 288 -8.44 -10.82 28.67
N GLN A 289 -9.24 -10.92 27.61
CA GLN A 289 -10.56 -11.55 27.70
C GLN A 289 -10.64 -12.79 26.83
N GLY A 290 -9.50 -13.19 26.27
CA GLY A 290 -9.49 -14.26 25.30
C GLY A 290 -9.99 -13.77 23.96
N LEU A 291 -9.84 -12.48 23.71
CA LEU A 291 -10.19 -11.90 22.42
C LEU A 291 -8.98 -11.23 21.78
N LEU A 292 -8.83 -11.43 20.48
CA LEU A 292 -7.80 -10.77 19.69
C LEU A 292 -8.39 -9.68 18.79
N TYR A 293 -7.72 -8.55 18.72
CA TYR A 293 -8.17 -7.43 17.90
C TYR A 293 -7.15 -7.14 16.80
N SER A 294 -7.62 -7.10 15.56
CA SER A 294 -6.72 -6.87 14.43
C SER A 294 -7.19 -5.72 13.56
N GLY A 295 -6.22 -5.03 12.97
CA GLY A 295 -6.49 -3.94 12.05
C GLY A 295 -5.88 -4.28 10.71
N SER A 296 -6.51 -3.82 9.63
CA SER A 296 -6.07 -4.18 8.30
C SER A 296 -6.37 -3.14 7.25
N HIS A 297 -5.74 -3.30 6.10
CA HIS A 297 -5.89 -2.37 4.99
C HIS A 297 -7.23 -2.56 4.28
N ASP A 298 -8.04 -3.49 4.77
CA ASP A 298 -9.38 -3.67 4.24
C ASP A 298 -10.34 -2.70 4.96
N ARG A 299 -9.75 -1.78 5.71
CA ARG A 299 -10.45 -0.70 6.42
C ARG A 299 -11.34 -1.25 7.52
N THR A 300 -10.93 -2.37 8.10
CA THR A 300 -11.77 -3.09 9.04
C THR A 300 -11.04 -3.42 10.34
N VAL A 301 -11.77 -3.45 11.45
CA VAL A 301 -11.22 -3.95 12.70
C VAL A 301 -11.99 -5.20 13.09
N ARG A 302 -11.28 -6.32 13.22
CA ARG A 302 -11.95 -7.59 13.45
C ARG A 302 -11.64 -8.12 14.83
N VAL A 303 -12.57 -8.88 15.38
CA VAL A 303 -12.48 -9.40 16.74
C VAL A 303 -12.59 -10.91 16.74
N TRP A 304 -11.54 -11.59 17.17
CA TRP A 304 -11.50 -13.05 17.10
C TRP A 304 -11.55 -13.70 18.47
N ASP A 305 -12.42 -14.70 18.63
CA ASP A 305 -12.60 -15.38 19.90
C ASP A 305 -11.74 -16.64 19.96
N ILE A 306 -10.72 -16.62 20.82
CA ILE A 306 -9.79 -17.74 20.90
C ILE A 306 -10.43 -18.97 21.55
N ASN A 307 -11.46 -18.76 22.35
CA ASN A 307 -12.17 -19.87 22.97
C ASN A 307 -13.12 -20.56 21.99
N SER A 308 -13.23 -19.99 20.80
CA SER A 308 -14.03 -20.57 19.73
C SER A 308 -13.19 -20.75 18.45
N GLN A 309 -11.98 -21.28 18.60
CA GLN A 309 -11.12 -21.61 17.46
C GLN A 309 -10.87 -20.45 16.52
N GLY A 310 -10.78 -19.24 17.06
CA GLY A 310 -10.46 -18.07 16.27
C GLY A 310 -11.64 -17.50 15.51
N ARG A 311 -12.83 -17.91 15.92
CA ARG A 311 -14.09 -17.42 15.35
C ARG A 311 -14.22 -15.89 15.38
N CYS A 312 -14.61 -15.31 14.26
CA CYS A 312 -14.84 -13.87 14.20
C CYS A 312 -16.20 -13.53 14.79
N ILE A 313 -16.18 -12.77 15.87
CA ILE A 313 -17.41 -12.42 16.55
C ILE A 313 -17.86 -10.99 16.22
N ASN A 314 -16.99 -10.23 15.57
CA ASN A 314 -17.30 -8.85 15.22
C ASN A 314 -16.45 -8.28 14.11
N ILE A 315 -17.09 -7.58 13.18
CA ILE A 315 -16.37 -6.83 12.15
C ILE A 315 -16.72 -5.36 12.26
N LEU A 316 -15.71 -4.55 12.57
CA LEU A 316 -15.90 -3.12 12.83
C LEU A 316 -15.58 -2.30 11.58
N LYS A 317 -16.60 -1.71 10.97
CA LYS A 317 -16.46 -1.08 9.67
C LYS A 317 -16.50 0.44 9.70
N SER A 318 -16.32 1.03 10.87
CA SER A 318 -16.47 2.48 11.01
C SER A 318 -15.36 3.27 10.33
N HIS A 319 -14.19 2.66 10.16
CA HIS A 319 -13.08 3.29 9.46
C HIS A 319 -13.37 3.41 7.96
N ALA A 320 -12.88 4.49 7.36
CA ALA A 320 -13.07 4.71 5.94
C ALA A 320 -11.77 4.53 5.16
N HIS A 321 -10.67 4.30 5.88
CA HIS A 321 -9.36 4.16 5.27
C HIS A 321 -8.54 3.06 5.92
N TRP A 322 -7.34 2.82 5.40
CA TRP A 322 -6.45 1.80 5.92
C TRP A 322 -6.23 1.93 7.43
N VAL A 323 -6.60 0.91 8.19
CA VAL A 323 -6.26 0.85 9.60
C VAL A 323 -4.79 0.48 9.78
N ASN A 324 -4.00 1.41 10.33
CA ASN A 324 -2.57 1.21 10.48
C ASN A 324 -2.11 0.73 11.86
N HIS A 325 -2.69 1.29 12.91
CA HIS A 325 -2.26 0.98 14.26
C HIS A 325 -3.43 0.67 15.18
N LEU A 326 -3.21 -0.25 16.10
CA LEU A 326 -4.26 -0.69 17.02
C LEU A 326 -3.61 -1.02 18.35
N SER A 327 -4.07 -0.35 19.41
CA SER A 327 -3.50 -0.55 20.73
C SER A 327 -4.58 -0.66 21.77
N LEU A 328 -4.29 -1.40 22.84
CA LEU A 328 -5.25 -1.57 23.93
C LEU A 328 -4.81 -0.79 25.16
N SER A 329 -5.75 -0.60 26.09
CA SER A 329 -5.44 0.10 27.32
C SER A 329 -4.70 -0.81 28.29
N THR A 330 -4.78 -2.11 28.07
CA THR A 330 -4.22 -3.05 29.03
C THR A 330 -2.89 -3.64 28.58
N ASP A 331 -2.43 -3.27 27.39
CA ASP A 331 -1.33 -4.04 26.77
C ASP A 331 0.04 -3.77 27.39
N TYR A 332 0.17 -2.69 28.15
CA TYR A 332 1.38 -2.50 28.94
C TYR A 332 1.43 -3.55 30.05
N ALA A 333 0.28 -3.74 30.71
CA ALA A 333 0.12 -4.79 31.70
C ALA A 333 0.31 -6.18 31.10
N LEU A 334 -0.30 -6.42 29.94
CA LEU A 334 -0.26 -7.72 29.28
C LEU A 334 1.17 -8.12 28.92
N ARG A 335 1.99 -7.12 28.60
CA ARG A 335 3.36 -7.32 28.15
C ARG A 335 4.27 -7.84 29.28
N ILE A 336 3.99 -7.44 30.51
CA ILE A 336 4.88 -7.76 31.63
C ILE A 336 4.28 -8.76 32.62
N GLY A 337 3.03 -9.15 32.42
CA GLY A 337 2.39 -10.17 33.21
C GLY A 337 2.45 -10.01 34.72
N ALA A 338 3.29 -10.82 35.36
CA ALA A 338 3.36 -10.85 36.82
C ALA A 338 4.41 -9.89 37.36
N PHE A 339 5.27 -9.39 36.48
CA PHE A 339 6.37 -8.56 36.91
C PHE A 339 5.98 -7.08 37.08
N ASP A 340 6.79 -6.35 37.84
CA ASP A 340 6.63 -4.91 37.98
C ASP A 340 7.97 -4.22 38.21
N HIS A 341 7.93 -3.02 38.78
CA HIS A 341 9.12 -2.19 38.89
C HIS A 341 10.12 -2.72 39.90
N THR A 342 9.67 -3.57 40.80
CA THR A 342 10.56 -4.13 41.81
C THR A 342 11.49 -5.18 41.21
N GLY A 343 10.97 -5.95 40.25
CA GLY A 343 11.74 -7.00 39.62
C GLY A 343 11.51 -8.34 40.29
N LYS A 344 10.76 -8.34 41.39
CA LYS A 344 10.46 -9.57 42.13
C LYS A 344 9.78 -10.62 41.26
N LYS A 345 10.29 -11.84 41.35
CA LYS A 345 9.78 -12.95 40.56
C LYS A 345 8.75 -13.76 41.35
N PRO A 346 7.77 -14.35 40.65
CA PRO A 346 6.80 -15.23 41.30
C PRO A 346 7.46 -16.52 41.75
N SER A 347 7.10 -17.03 42.92
CA SER A 347 7.74 -18.24 43.44
C SER A 347 7.27 -19.50 42.70
N THR A 348 6.03 -19.48 42.24
CA THR A 348 5.45 -20.61 41.52
C THR A 348 4.70 -20.10 40.29
N PRO A 349 4.52 -20.98 39.28
CA PRO A 349 3.72 -20.60 38.11
C PRO A 349 2.30 -20.19 38.49
N GLU A 350 1.76 -20.85 39.51
CA GLU A 350 0.43 -20.52 40.02
C GLU A 350 0.41 -19.13 40.65
N GLU A 351 1.51 -18.74 41.28
CA GLU A 351 1.62 -17.40 41.84
C GLU A 351 1.73 -16.38 40.72
N ALA A 352 2.38 -16.76 39.63
CA ALA A 352 2.50 -15.90 38.46
C ALA A 352 1.14 -15.60 37.83
N GLN A 353 0.28 -16.62 37.76
CA GLN A 353 -1.05 -16.46 37.19
C GLN A 353 -1.89 -15.54 38.08
N LYS A 354 -1.79 -15.70 39.39
CA LYS A 354 -2.54 -14.85 40.30
C LYS A 354 -2.04 -13.42 40.26
N LYS A 355 -0.71 -13.27 40.25
CA LYS A 355 -0.13 -11.94 40.22
C LYS A 355 -0.48 -11.22 38.93
N ALA A 356 -0.45 -11.95 37.82
CA ALA A 356 -0.74 -11.36 36.52
C ALA A 356 -2.20 -10.91 36.45
N LEU A 357 -3.09 -11.71 37.01
CA LEU A 357 -4.51 -11.39 37.05
C LEU A 357 -4.74 -10.15 37.91
N GLU A 358 -4.05 -10.09 39.03
CA GLU A 358 -4.15 -9.00 39.96
C GLU A 358 -3.73 -7.69 39.30
N ASN A 359 -2.63 -7.74 38.55
CA ASN A 359 -2.12 -6.57 37.85
C ASN A 359 -3.00 -6.16 36.69
N TYR A 360 -3.72 -7.14 36.12
CA TYR A 360 -4.60 -6.90 34.98
C TYR A 360 -5.94 -6.34 35.42
N GLU A 361 -6.55 -6.96 36.42
CA GLU A 361 -7.85 -6.51 36.90
C GLU A 361 -7.73 -5.14 37.55
N LYS A 362 -6.51 -4.78 37.93
CA LYS A 362 -6.26 -3.51 38.57
C LYS A 362 -6.47 -2.35 37.60
N ILE A 363 -6.14 -2.60 36.34
CA ILE A 363 -6.16 -1.53 35.34
C ILE A 363 -7.46 -1.54 34.54
N CYS A 364 -8.07 -2.71 34.39
CA CYS A 364 -9.27 -2.81 33.57
C CYS A 364 -10.56 -2.72 34.40
N LYS A 365 -10.60 -3.42 35.54
CA LYS A 365 -11.79 -3.37 36.38
C LYS A 365 -11.82 -2.10 37.22
N LYS A 366 -12.50 -1.09 36.70
CA LYS A 366 -12.65 0.18 37.39
C LYS A 366 -14.09 0.36 37.86
N ASN A 367 -15.04 -0.13 37.08
CA ASN A 367 -16.46 0.01 37.39
C ASN A 367 -17.04 -1.24 38.03
N GLY A 368 -16.17 -2.10 38.56
CA GLY A 368 -16.59 -3.38 39.09
C GLY A 368 -16.74 -4.40 37.96
N ASN A 369 -16.38 -3.96 36.76
CA ASN A 369 -16.41 -4.83 35.58
C ASN A 369 -15.22 -4.50 34.67
N SER A 370 -14.79 -5.49 33.89
CA SER A 370 -13.57 -5.36 33.09
C SER A 370 -13.81 -4.76 31.70
N GLU A 371 -13.28 -3.55 31.50
CA GLU A 371 -13.35 -2.87 30.21
C GLU A 371 -11.95 -2.51 29.71
N GLU A 372 -11.52 -3.14 28.63
CA GLU A 372 -10.30 -2.69 27.96
C GLU A 372 -10.66 -1.80 26.77
N MET A 373 -10.18 -0.57 26.82
CA MET A 373 -10.42 0.38 25.75
C MET A 373 -9.48 0.11 24.57
N MET A 374 -9.91 0.52 23.39
CA MET A 374 -9.14 0.28 22.18
C MET A 374 -9.02 1.54 21.34
N VAL A 375 -7.81 1.85 20.89
CA VAL A 375 -7.63 2.96 19.96
C VAL A 375 -7.07 2.44 18.63
N THR A 376 -7.67 2.89 17.53
CA THR A 376 -7.24 2.50 16.18
C THR A 376 -6.98 3.73 15.31
N ALA A 377 -5.91 3.68 14.52
CA ALA A 377 -5.52 4.83 13.71
C ALA A 377 -5.47 4.51 12.22
N SER A 378 -5.86 5.47 11.39
CA SER A 378 -5.83 5.29 9.94
C SER A 378 -5.01 6.38 9.29
N ASP A 379 -4.73 6.26 8.00
CA ASP A 379 -3.87 7.23 7.34
C ASP A 379 -4.65 8.40 6.76
N ASP A 380 -5.88 8.60 7.24
CA ASP A 380 -6.56 9.87 7.09
C ASP A 380 -6.27 10.71 8.33
N TYR A 381 -5.38 10.17 9.16
CA TYR A 381 -4.86 10.78 10.40
C TYR A 381 -5.88 10.70 11.53
N THR A 382 -7.05 10.14 11.21
CA THR A 382 -8.15 9.99 12.15
C THR A 382 -7.91 8.81 13.09
N MET A 383 -8.16 9.02 14.39
CA MET A 383 -8.12 7.93 15.36
C MET A 383 -9.49 7.70 16.00
N PHE A 384 -9.76 6.46 16.37
CA PHE A 384 -11.03 6.10 17.02
C PHE A 384 -10.81 5.51 18.41
N LEU A 385 -11.78 5.70 19.29
CA LEU A 385 -11.76 5.07 20.61
C LEU A 385 -12.92 4.09 20.76
N TRP A 386 -12.62 2.88 21.21
CA TRP A 386 -13.64 1.84 21.33
C TRP A 386 -13.76 1.27 22.73
N ASN A 387 -14.96 0.79 23.06
CA ASN A 387 -15.16 -0.10 24.19
C ASN A 387 -15.84 -1.37 23.68
N PRO A 388 -15.09 -2.20 22.95
CA PRO A 388 -15.61 -3.30 22.11
C PRO A 388 -16.56 -4.24 22.84
N LEU A 389 -16.31 -4.48 24.13
CA LEU A 389 -17.21 -5.30 24.92
C LEU A 389 -18.59 -4.68 25.02
N LYS A 390 -18.64 -3.36 25.15
CA LYS A 390 -19.89 -2.63 25.36
C LYS A 390 -20.62 -2.37 24.05
N SER A 391 -19.91 -1.77 23.08
CA SER A 391 -20.53 -1.35 21.83
C SER A 391 -19.63 -1.59 20.61
N THR A 392 -20.25 -1.77 19.45
CA THR A 392 -19.52 -1.96 18.20
C THR A 392 -19.36 -0.66 17.43
N LYS A 393 -19.71 0.45 18.07
CA LYS A 393 -19.55 1.77 17.47
C LYS A 393 -18.53 2.59 18.25
N PRO A 394 -17.71 3.39 17.53
CA PRO A 394 -16.66 4.17 18.17
C PRO A 394 -17.20 5.09 19.25
N ILE A 395 -16.59 5.06 20.42
CA ILE A 395 -17.00 5.89 21.55
C ILE A 395 -16.67 7.34 21.24
N ALA A 396 -15.54 7.56 20.57
CA ALA A 396 -15.10 8.91 20.25
C ALA A 396 -14.25 8.95 18.98
N ARG A 397 -14.17 10.13 18.36
CA ARG A 397 -13.40 10.29 17.14
C ARG A 397 -12.30 11.33 17.32
N MET A 398 -11.08 10.85 17.56
CA MET A 398 -9.95 11.74 17.80
C MET A 398 -9.36 12.25 16.51
N THR A 399 -9.23 13.57 16.40
CA THR A 399 -8.70 14.19 15.20
C THR A 399 -7.90 15.43 15.56
N GLY A 400 -7.05 15.86 14.64
CA GLY A 400 -6.20 17.00 14.88
C GLY A 400 -4.83 16.88 14.24
N HIS A 401 -4.36 15.66 14.07
CA HIS A 401 -3.06 15.43 13.43
C HIS A 401 -3.10 15.80 11.94
N GLN A 402 -2.12 16.60 11.51
CA GLN A 402 -2.03 17.05 10.13
C GLN A 402 -1.20 16.13 9.24
N LYS A 403 -0.58 15.13 9.85
CA LYS A 403 0.26 14.19 9.12
C LYS A 403 0.07 12.79 9.70
N LEU A 404 0.67 11.79 9.05
CA LEU A 404 0.36 10.40 9.40
C LEU A 404 0.82 10.08 10.81
N VAL A 405 -0.06 9.41 11.55
CA VAL A 405 0.24 8.94 12.89
C VAL A 405 1.08 7.65 12.82
N ASN A 406 2.21 7.63 13.53
CA ASN A 406 3.12 6.49 13.43
C ASN A 406 3.13 5.61 14.67
N HIS A 407 2.61 6.10 15.78
CA HIS A 407 2.59 5.34 17.02
C HIS A 407 1.49 5.82 17.96
N VAL A 408 0.71 4.89 18.50
CA VAL A 408 -0.33 5.20 19.48
C VAL A 408 -0.26 4.25 20.65
N ALA A 409 -0.21 4.79 21.87
CA ALA A 409 -0.07 3.94 23.06
C ALA A 409 -0.80 4.52 24.27
N PHE A 410 -1.56 3.67 24.94
CA PHE A 410 -2.13 4.03 26.24
C PHE A 410 -1.03 4.11 27.29
N SER A 411 -1.27 4.89 28.34
CA SER A 411 -0.44 4.86 29.53
C SER A 411 -0.70 3.56 30.27
N PRO A 412 0.28 3.07 31.05
CA PRO A 412 0.13 1.79 31.77
C PRO A 412 -1.14 1.71 32.63
N ASP A 413 -1.67 2.84 33.08
CA ASP A 413 -2.91 2.84 33.85
C ASP A 413 -4.14 3.06 32.96
N GLY A 414 -3.91 3.26 31.67
CA GLY A 414 -5.00 3.44 30.72
C GLY A 414 -5.63 4.81 30.82
N ARG A 415 -5.02 5.67 31.61
CA ARG A 415 -5.54 7.01 31.87
C ARG A 415 -5.35 7.95 30.68
N TYR A 416 -4.25 7.79 29.95
CA TYR A 416 -3.97 8.66 28.82
C TYR A 416 -3.80 7.90 27.51
N ILE A 417 -3.86 8.64 26.41
CA ILE A 417 -3.50 8.14 25.09
C ILE A 417 -2.56 9.15 24.46
N VAL A 418 -1.40 8.68 24.00
CA VAL A 418 -0.45 9.56 23.36
C VAL A 418 -0.22 9.12 21.91
N SER A 419 -0.08 10.07 21.00
CA SER A 419 0.05 9.72 19.57
C SER A 419 1.19 10.49 18.89
N ALA A 420 2.13 9.74 18.34
CA ALA A 420 3.28 10.33 17.64
C ALA A 420 2.97 10.45 16.16
N SER A 421 3.33 11.58 15.56
CA SER A 421 3.01 11.82 14.16
C SER A 421 4.19 12.35 13.36
N PHE A 422 4.01 12.45 12.04
CA PHE A 422 5.04 13.00 11.17
C PHE A 422 4.89 14.52 11.00
N ASP A 423 3.94 15.10 11.72
CA ASP A 423 3.80 16.55 11.78
C ASP A 423 4.72 17.14 12.87
N ASN A 424 5.68 16.32 13.32
CA ASN A 424 6.70 16.70 14.29
C ASN A 424 6.14 16.95 15.68
N SER A 425 4.96 16.42 15.96
CA SER A 425 4.28 16.71 17.21
C SER A 425 3.79 15.44 17.90
N ILE A 426 3.45 15.56 19.18
CA ILE A 426 2.88 14.45 19.93
C ILE A 426 1.67 14.94 20.71
N LYS A 427 0.50 14.36 20.45
CA LYS A 427 -0.72 14.82 21.11
C LYS A 427 -1.13 13.90 22.24
N LEU A 428 -1.54 14.50 23.36
CA LEU A 428 -2.01 13.77 24.53
C LEU A 428 -3.53 13.75 24.60
N TRP A 429 -4.10 12.55 24.76
CA TRP A 429 -5.55 12.39 24.80
C TRP A 429 -6.01 11.70 26.09
N ASP A 430 -7.25 11.94 26.49
CA ASP A 430 -7.83 11.26 27.65
C ASP A 430 -8.20 9.82 27.28
N GLY A 431 -7.66 8.86 28.02
CA GLY A 431 -7.84 7.46 27.67
C GLY A 431 -9.20 6.84 27.98
N ARG A 432 -10.13 7.63 28.51
CA ARG A 432 -11.43 7.10 28.87
C ARG A 432 -12.58 7.64 28.01
N ASP A 433 -12.46 8.87 27.53
CA ASP A 433 -13.48 9.46 26.67
C ASP A 433 -12.91 9.96 25.35
N GLY A 434 -11.58 9.99 25.24
CA GLY A 434 -10.92 10.35 23.99
C GLY A 434 -10.76 11.83 23.74
N LYS A 435 -10.88 12.64 24.79
CA LYS A 435 -10.79 14.09 24.64
C LYS A 435 -9.36 14.58 24.49
N PHE A 436 -9.17 15.57 23.63
CA PHE A 436 -7.86 16.18 23.43
C PHE A 436 -7.43 16.96 24.66
N ILE A 437 -6.17 16.82 25.03
CA ILE A 437 -5.65 17.49 26.22
C ILE A 437 -4.59 18.51 25.82
N SER A 438 -3.50 18.04 25.21
CA SER A 438 -2.40 18.94 24.85
C SER A 438 -1.54 18.39 23.72
N THR A 439 -0.74 19.27 23.12
CA THR A 439 0.20 18.89 22.09
C THR A 439 1.63 19.11 22.58
N PHE A 440 2.45 18.07 22.51
CA PHE A 440 3.87 18.16 22.86
C PHE A 440 4.67 18.68 21.67
N ARG A 441 5.06 19.94 21.73
CA ARG A 441 5.86 20.55 20.66
C ARG A 441 7.31 20.75 21.11
N GLY A 442 8.23 20.63 20.17
CA GLY A 442 9.64 20.77 20.48
C GLY A 442 10.53 20.11 19.44
N HIS A 443 10.05 18.99 18.90
CA HIS A 443 10.73 18.33 17.80
C HIS A 443 10.68 19.16 16.51
N VAL A 444 11.75 19.07 15.72
CA VAL A 444 11.84 19.79 14.46
C VAL A 444 11.54 18.86 13.28
N ALA A 445 11.78 17.57 13.47
CA ALA A 445 11.48 16.59 12.43
C ALA A 445 10.48 15.57 12.95
N SER A 446 10.07 14.64 12.08
CA SER A 446 8.98 13.71 12.40
C SER A 446 9.27 12.80 13.59
N VAL A 447 8.22 12.49 14.34
CA VAL A 447 8.33 11.62 15.50
C VAL A 447 8.01 10.18 15.15
N TYR A 448 8.94 9.26 15.41
CA TYR A 448 8.74 7.87 15.01
C TYR A 448 8.11 7.01 16.08
N GLN A 449 8.50 7.22 17.34
CA GLN A 449 8.02 6.34 18.40
C GLN A 449 8.13 7.03 19.76
N VAL A 450 7.28 6.60 20.69
CA VAL A 450 7.29 7.10 22.07
C VAL A 450 7.28 5.92 23.02
N ALA A 451 7.60 6.18 24.29
CA ALA A 451 7.55 5.13 25.32
C ALA A 451 7.15 5.73 26.66
N TRP A 452 6.22 5.06 27.34
CA TRP A 452 5.73 5.50 28.64
C TRP A 452 6.63 5.06 29.78
N SER A 453 6.65 5.82 30.87
CA SER A 453 7.28 5.33 32.09
C SER A 453 6.29 4.44 32.80
N SER A 454 6.77 3.64 33.76
CA SER A 454 5.90 2.71 34.46
C SER A 454 4.88 3.40 35.35
N ASP A 455 5.23 4.57 35.88
CA ASP A 455 4.37 5.30 36.80
C ASP A 455 3.46 6.29 36.07
N CYS A 456 3.47 6.21 34.74
CA CYS A 456 2.62 7.02 33.87
C CYS A 456 2.84 8.52 33.99
N ARG A 457 4.02 8.92 34.45
CA ARG A 457 4.28 10.33 34.70
C ARG A 457 5.17 10.95 33.64
N LEU A 458 6.01 10.12 33.03
CA LEU A 458 6.97 10.62 32.04
C LEU A 458 6.81 9.90 30.71
N LEU A 459 7.22 10.58 29.64
CA LEU A 459 7.12 10.03 28.30
C LEU A 459 8.35 10.42 27.48
N VAL A 460 9.07 9.42 26.96
CA VAL A 460 10.24 9.68 26.12
C VAL A 460 9.87 9.44 24.66
N SER A 461 10.39 10.28 23.77
CA SER A 461 10.09 10.15 22.35
C SER A 461 11.33 10.32 21.48
N CYS A 462 11.48 9.48 20.46
CA CYS A 462 12.58 9.61 19.52
C CYS A 462 12.09 10.27 18.24
N SER A 463 13.01 10.83 17.46
CA SER A 463 12.62 11.55 16.26
C SER A 463 13.66 11.52 15.14
N LYS A 464 13.24 12.00 13.98
CA LYS A 464 14.11 12.15 12.82
C LYS A 464 15.13 13.25 13.06
N ASP A 465 14.85 14.10 14.05
CA ASP A 465 15.69 15.27 14.32
C ASP A 465 16.93 14.95 15.15
N THR A 466 17.31 13.67 15.18
CA THR A 466 18.55 13.20 15.81
C THR A 466 18.54 13.34 17.33
N THR A 467 17.38 13.65 17.92
CA THR A 467 17.30 13.83 19.36
C THR A 467 16.21 12.97 19.98
N LEU A 468 16.32 12.79 21.30
CA LEU A 468 15.23 12.24 22.08
C LEU A 468 14.71 13.33 22.99
N LYS A 469 13.44 13.23 23.37
CA LYS A 469 12.87 14.19 24.29
C LYS A 469 12.02 13.44 25.30
N VAL A 470 12.14 13.80 26.57
CA VAL A 470 11.28 13.22 27.59
C VAL A 470 10.36 14.32 28.12
N TRP A 471 9.08 13.99 28.26
CA TRP A 471 8.07 14.98 28.62
C TRP A 471 7.44 14.69 29.99
N ASP A 472 7.07 15.74 30.71
CA ASP A 472 6.35 15.58 31.96
C ASP A 472 4.85 15.65 31.70
N VAL A 473 4.18 14.50 31.72
CA VAL A 473 2.79 14.43 31.30
C VAL A 473 1.84 15.11 32.31
N ARG A 474 2.34 15.36 33.51
CA ARG A 474 1.53 15.98 34.54
C ARG A 474 1.47 17.50 34.31
N THR A 475 2.60 18.05 33.85
CA THR A 475 2.68 19.48 33.59
C THR A 475 2.49 19.74 32.10
N ARG A 476 2.43 18.67 31.32
CA ARG A 476 2.23 18.73 29.85
C ARG A 476 3.30 19.56 29.13
N LYS A 477 4.54 19.48 29.60
CA LYS A 477 5.64 20.24 28.99
C LYS A 477 6.92 19.42 28.86
N LEU A 478 7.89 19.97 28.15
CA LEU A 478 9.19 19.32 27.97
C LEU A 478 9.98 19.28 29.28
N SER A 479 10.50 18.11 29.62
CA SER A 479 11.26 17.93 30.85
C SER A 479 12.75 18.09 30.60
N VAL A 480 13.28 17.28 29.68
CA VAL A 480 14.69 17.35 29.33
C VAL A 480 14.90 16.92 27.88
N ASP A 481 15.63 17.75 27.14
CA ASP A 481 15.96 17.47 25.75
C ASP A 481 17.37 16.89 25.65
N LEU A 482 17.49 15.65 25.20
CA LEU A 482 18.78 14.97 25.12
C LEU A 482 19.21 14.61 23.71
N PRO A 483 20.14 15.39 23.13
CA PRO A 483 20.79 15.03 21.88
C PRO A 483 21.87 13.99 22.13
N GLY A 484 22.38 13.37 21.08
CA GLY A 484 23.39 12.34 21.23
C GLY A 484 23.71 11.60 19.94
N HIS A 485 22.69 11.03 19.30
CA HIS A 485 22.87 10.31 18.06
C HIS A 485 23.43 11.17 16.92
N LYS A 486 23.86 10.52 15.85
CA LYS A 486 24.40 11.23 14.70
C LYS A 486 23.39 11.29 13.56
N ASP A 487 22.38 10.44 13.61
CA ASP A 487 21.32 10.44 12.60
C ASP A 487 19.95 10.11 13.18
N GLU A 488 19.01 9.76 12.31
CA GLU A 488 17.63 9.51 12.70
C GLU A 488 17.52 8.39 13.73
N VAL A 489 16.60 8.56 14.69
CA VAL A 489 16.33 7.53 15.68
C VAL A 489 14.94 6.95 15.47
N TYR A 490 14.84 5.63 15.42
CA TYR A 490 13.59 4.96 15.07
C TYR A 490 12.92 4.26 16.24
N THR A 491 13.69 3.84 17.23
CA THR A 491 13.11 3.13 18.37
C THR A 491 13.49 3.72 19.73
N VAL A 492 12.58 3.60 20.68
CA VAL A 492 12.83 3.91 22.08
C VAL A 492 12.04 2.94 22.96
N ASP A 493 12.59 2.60 24.12
CA ASP A 493 11.86 1.83 25.11
C ASP A 493 12.27 2.29 26.51
N TRP A 494 11.35 2.18 27.47
CA TRP A 494 11.64 2.54 28.85
C TRP A 494 11.44 1.32 29.75
N SER A 495 12.48 0.96 30.48
CA SER A 495 12.45 -0.21 31.34
C SER A 495 11.38 -0.08 32.42
N VAL A 496 10.90 -1.23 32.90
CA VAL A 496 9.84 -1.26 33.90
C VAL A 496 10.24 -0.54 35.19
N ASP A 497 11.49 -0.71 35.62
CA ASP A 497 11.97 -0.05 36.82
C ASP A 497 12.27 1.42 36.57
N GLY A 498 12.17 1.82 35.30
CA GLY A 498 12.40 3.20 34.91
C GLY A 498 13.84 3.63 34.94
N LYS A 499 14.75 2.68 35.17
CA LYS A 499 16.16 3.02 35.36
C LYS A 499 16.86 3.33 34.05
N ARG A 500 16.46 2.67 32.97
CA ARG A 500 17.18 2.79 31.70
C ARG A 500 16.27 3.03 30.49
N VAL A 501 16.76 3.86 29.57
CA VAL A 501 16.09 4.12 28.30
C VAL A 501 17.05 3.81 27.16
N CYS A 502 16.59 3.04 26.17
CA CYS A 502 17.41 2.69 25.02
C CYS A 502 16.88 3.31 23.74
N SER A 503 17.79 3.68 22.85
CA SER A 503 17.42 4.25 21.56
C SER A 503 18.33 3.73 20.46
N GLY A 504 17.76 3.51 19.29
CA GLY A 504 18.51 3.03 18.14
C GLY A 504 17.90 3.52 16.84
N GLY A 505 18.75 3.79 15.86
CA GLY A 505 18.27 4.30 14.59
C GLY A 505 19.18 4.05 13.41
N LYS A 506 19.44 5.11 12.65
CA LYS A 506 20.17 5.02 11.38
C LYS A 506 21.68 4.87 11.57
N ASP A 507 22.19 5.27 12.72
CA ASP A 507 23.63 5.28 13.00
C ASP A 507 24.16 3.91 13.40
N LYS A 508 23.31 2.89 13.27
CA LYS A 508 23.64 1.51 13.57
C LYS A 508 24.10 1.28 15.02
N MET A 509 23.93 2.26 15.88
CA MET A 509 24.44 2.14 17.24
C MET A 509 23.33 2.23 18.30
N VAL A 510 23.56 1.54 19.42
CA VAL A 510 22.64 1.54 20.54
C VAL A 510 23.11 2.54 21.60
N ARG A 511 22.20 3.38 22.07
CA ARG A 511 22.48 4.25 23.19
C ARG A 511 21.62 3.88 24.38
N LEU A 512 22.26 3.73 25.54
CA LEU A 512 21.55 3.47 26.78
C LEU A 512 21.52 4.71 27.64
N TRP A 513 20.32 5.21 27.92
CA TRP A 513 20.15 6.45 28.67
C TRP A 513 19.74 6.17 30.11
N THR A 514 20.29 6.90 31.06
CA THR A 514 19.92 6.72 32.46
C THR A 514 19.71 8.06 33.18
N HIS A 515 19.22 8.04 34.42
CA HIS A 515 18.78 9.29 35.05
C HIS A 515 19.91 10.30 35.26
N PRO B 30 14.67 -21.83 -64.55
CA PRO B 30 14.50 -22.55 -63.28
C PRO B 30 13.05 -22.54 -62.82
N ASN B 31 12.70 -23.45 -61.93
CA ASN B 31 11.31 -23.71 -61.58
C ASN B 31 11.21 -24.34 -60.18
N VAL B 32 10.45 -23.70 -59.27
CA VAL B 32 10.50 -23.99 -57.82
C VAL B 32 9.18 -24.48 -57.20
N SER B 33 9.10 -25.75 -56.79
CA SER B 33 7.89 -26.29 -56.18
C SER B 33 7.52 -25.58 -54.86
N ILE B 34 6.21 -25.36 -54.66
CA ILE B 34 5.70 -24.51 -53.58
C ILE B 34 4.67 -25.20 -52.68
N LYS B 35 4.76 -24.96 -51.37
CA LYS B 35 3.78 -25.45 -50.42
C LYS B 35 3.14 -24.27 -49.69
N PHE B 36 1.85 -24.37 -49.38
CA PHE B 36 1.14 -23.28 -48.70
C PHE B 36 0.63 -23.69 -47.31
N GLN B 37 1.28 -23.18 -46.28
CA GLN B 37 0.84 -23.42 -44.90
C GLN B 37 0.72 -22.10 -44.14
N ALA B 38 -0.45 -21.86 -43.54
CA ALA B 38 -0.69 -20.63 -42.81
C ALA B 38 0.20 -20.52 -41.57
N LEU B 39 0.72 -19.33 -41.33
CA LEU B 39 1.65 -19.09 -40.22
C LEU B 39 0.95 -19.19 -38.86
N ASP B 40 -0.30 -18.73 -38.79
CA ASP B 40 -1.02 -18.68 -37.52
C ASP B 40 -1.88 -19.93 -37.27
N THR B 41 -1.68 -20.97 -38.07
CA THR B 41 -2.38 -22.23 -37.86
C THR B 41 -1.46 -23.43 -38.11
N LEU B 49 1.82 -25.26 -60.02
CA LEU B 49 2.91 -24.85 -59.15
C LEU B 49 4.10 -24.46 -60.00
N ARG B 50 4.95 -23.60 -59.43
CA ARG B 50 6.41 -23.69 -59.59
C ARG B 50 7.18 -22.55 -60.28
N VAL B 51 6.49 -21.65 -60.97
CA VAL B 51 7.18 -20.56 -61.67
C VAL B 51 7.81 -19.57 -60.69
N PRO B 52 9.08 -19.21 -60.94
CA PRO B 52 9.67 -18.17 -60.09
C PRO B 52 9.51 -16.77 -60.69
N GLY B 53 8.52 -16.01 -60.20
CA GLY B 53 8.25 -14.67 -60.67
C GLY B 53 7.78 -13.74 -59.57
N GLU B 57 5.98 -11.04 -56.12
CA GLU B 57 5.25 -10.96 -54.86
C GLU B 57 3.75 -10.77 -55.08
N LYS B 58 3.41 -9.89 -56.02
CA LYS B 58 2.01 -9.66 -56.39
C LYS B 58 1.41 -10.93 -56.90
N GLN B 59 2.19 -11.64 -57.70
CA GLN B 59 1.70 -12.84 -58.34
C GLN B 59 1.44 -13.93 -57.34
N LEU B 60 2.27 -14.08 -56.30
CA LEU B 60 2.00 -15.05 -55.23
C LEU B 60 0.76 -14.66 -54.42
N GLU B 61 0.68 -13.36 -54.11
CA GLU B 61 -0.51 -12.74 -53.52
C GLU B 61 -1.72 -12.97 -54.38
N GLU B 62 -1.63 -12.38 -55.59
CA GLU B 62 -2.43 -12.87 -56.69
C GLU B 62 -2.46 -14.34 -56.53
N LEU B 63 -1.38 -15.10 -56.70
CA LEU B 63 -1.60 -16.51 -56.68
C LEU B 63 -2.54 -16.84 -55.49
N LEU B 64 -2.21 -16.41 -54.29
CA LEU B 64 -2.85 -17.08 -53.16
C LEU B 64 -4.32 -16.65 -52.83
N ASN B 65 -4.86 -15.61 -53.49
CA ASN B 65 -6.31 -15.29 -53.30
C ASN B 65 -7.20 -16.23 -54.21
N GLN B 66 -6.82 -16.44 -55.49
CA GLN B 66 -7.76 -16.80 -56.58
C GLN B 66 -8.05 -18.36 -56.68
N LEU B 67 -7.01 -19.21 -56.62
CA LEU B 67 -7.04 -20.63 -56.06
C LEU B 67 -8.03 -20.86 -54.88
N ASN B 68 -8.22 -19.85 -54.05
CA ASN B 68 -9.00 -20.05 -52.84
C ASN B 68 -9.97 -18.91 -52.79
N GLY B 69 -10.61 -18.79 -53.95
CA GLY B 69 -11.87 -18.12 -54.14
C GLY B 69 -12.09 -16.84 -53.41
N THR B 70 -11.13 -15.92 -53.51
CA THR B 70 -11.28 -14.63 -52.86
C THR B 70 -11.22 -13.49 -53.88
N SER B 71 -11.47 -13.83 -55.14
CA SER B 71 -11.40 -12.86 -56.24
C SER B 71 -12.78 -12.37 -56.66
N PRO B 74 -10.67 -9.71 -52.53
CA PRO B 74 -9.25 -9.42 -52.73
C PRO B 74 -8.52 -9.12 -51.42
N VAL B 75 -7.80 -10.12 -50.90
CA VAL B 75 -7.11 -10.00 -49.60
C VAL B 75 -5.60 -9.90 -49.74
N PRO B 76 -5.01 -8.82 -49.19
CA PRO B 76 -3.56 -8.66 -49.14
C PRO B 76 -2.89 -9.74 -48.29
N TYR B 77 -1.78 -10.27 -48.78
CA TYR B 77 -1.03 -11.29 -48.07
C TYR B 77 0.44 -10.92 -47.96
N THR B 78 1.14 -11.54 -47.02
CA THR B 78 2.58 -11.38 -46.91
C THR B 78 3.24 -12.75 -46.81
N PHE B 79 4.39 -12.91 -47.45
CA PHE B 79 5.05 -14.20 -47.49
C PHE B 79 6.51 -14.13 -47.08
N SER B 80 7.00 -15.20 -46.47
CA SER B 80 8.42 -15.35 -46.15
C SER B 80 8.75 -16.78 -45.72
N ASN B 100 15.87 -11.01 -53.89
CA ASN B 100 14.48 -11.26 -54.24
C ASN B 100 14.07 -12.69 -53.96
N LEU B 101 13.04 -13.16 -54.67
CA LEU B 101 12.56 -14.54 -54.53
C LEU B 101 13.60 -15.51 -55.07
N TYR B 102 14.25 -15.13 -56.16
CA TYR B 102 15.40 -15.85 -56.70
C TYR B 102 16.47 -16.00 -55.62
N SER B 103 16.90 -14.86 -55.10
CA SER B 103 17.95 -14.81 -54.08
C SER B 103 17.55 -15.55 -52.80
N SER B 104 16.26 -15.58 -52.51
CA SER B 104 15.73 -16.21 -51.32
C SER B 104 15.97 -17.72 -51.28
N LEU B 105 16.07 -18.33 -52.46
CA LEU B 105 16.16 -19.79 -52.53
C LEU B 105 17.39 -20.28 -53.30
N ILE B 106 18.30 -19.37 -53.61
CA ILE B 106 19.58 -19.76 -54.21
C ILE B 106 20.72 -19.55 -53.22
N GLN B 116 11.30 -28.92 -52.10
CA GLN B 116 10.06 -28.16 -52.02
C GLN B 116 10.25 -26.90 -51.18
N ILE B 117 9.33 -25.95 -51.34
CA ILE B 117 9.37 -24.71 -50.56
C ILE B 117 8.09 -24.52 -49.75
N THR B 118 8.19 -24.71 -48.44
CA THR B 118 7.05 -24.51 -47.56
C THR B 118 6.90 -23.02 -47.27
N LEU B 119 5.85 -22.43 -47.81
CA LEU B 119 5.69 -20.98 -47.79
C LEU B 119 4.58 -20.55 -46.82
N LEU B 120 4.96 -19.67 -45.88
CA LEU B 120 4.06 -19.23 -44.82
C LEU B 120 3.39 -17.91 -45.17
N TYR B 121 2.06 -17.86 -45.05
CA TYR B 121 1.32 -16.67 -45.41
C TYR B 121 0.53 -16.10 -44.25
N THR B 122 0.42 -14.77 -44.21
CA THR B 122 -0.38 -14.09 -43.21
C THR B 122 -1.32 -13.10 -43.86
N PRO B 123 -2.63 -13.24 -43.60
CA PRO B 123 -3.61 -12.27 -44.11
C PRO B 123 -3.40 -10.89 -43.51
N ARG B 124 -3.64 -9.85 -44.30
CA ARG B 124 -3.42 -8.48 -43.84
C ARG B 124 -4.66 -7.62 -43.99
N ALA B 125 -4.59 -6.39 -43.50
CA ALA B 125 -5.71 -5.46 -43.56
C ALA B 125 -5.92 -4.97 -44.97
N VAL B 126 -7.17 -5.00 -45.42
CA VAL B 126 -7.53 -4.53 -46.76
C VAL B 126 -7.29 -3.03 -46.87
N PHE B 127 -7.64 -2.31 -45.82
CA PHE B 127 -7.44 -0.87 -45.77
C PHE B 127 -6.03 -0.53 -45.31
N LYS B 128 -5.51 0.61 -45.74
CA LYS B 128 -4.19 1.06 -45.32
C LYS B 128 -4.27 2.44 -44.68
N VAL B 129 -3.55 2.63 -43.58
CA VAL B 129 -3.51 3.91 -42.91
C VAL B 129 -2.30 4.72 -43.36
N LYS B 130 -2.55 5.96 -43.83
CA LYS B 130 -1.46 6.85 -44.21
C LYS B 130 -0.75 7.37 -42.98
N PRO B 131 0.59 7.41 -43.02
CA PRO B 131 1.38 7.98 -41.92
C PRO B 131 1.01 9.44 -41.66
N VAL B 132 0.58 9.74 -40.45
CA VAL B 132 0.29 11.11 -40.04
C VAL B 132 1.55 11.98 -40.15
N THR B 133 1.43 13.12 -40.82
CA THR B 133 2.62 13.88 -41.21
C THR B 133 2.61 15.34 -40.78
N ARG B 134 1.44 15.87 -40.44
CA ARG B 134 1.32 17.30 -40.17
C ARG B 134 0.54 17.62 -38.89
N SER B 135 1.01 18.63 -38.16
CA SER B 135 0.27 19.14 -37.00
C SER B 135 -0.68 20.24 -37.44
N SER B 136 -1.97 20.05 -37.17
CA SER B 136 -2.98 21.01 -37.58
C SER B 136 -2.77 22.35 -36.88
N SER B 137 -2.86 22.34 -35.55
CA SER B 137 -2.69 23.54 -34.75
C SER B 137 -2.54 23.20 -33.28
N ALA B 138 -1.86 24.08 -32.55
CA ALA B 138 -1.75 23.95 -31.10
C ALA B 138 -3.03 24.45 -30.46
N ILE B 139 -3.63 23.64 -29.60
CA ILE B 139 -4.91 24.00 -29.00
C ILE B 139 -4.83 24.12 -27.48
N ALA B 140 -5.26 25.26 -26.95
CA ALA B 140 -5.19 25.51 -25.52
C ALA B 140 -6.54 25.32 -24.84
N GLY B 141 -6.52 25.22 -23.51
CA GLY B 141 -7.74 25.04 -22.74
C GLY B 141 -7.47 24.45 -21.38
N HIS B 142 -6.29 23.88 -21.19
CA HIS B 142 -5.95 23.24 -19.93
C HIS B 142 -5.06 24.12 -19.07
N GLY B 143 -5.22 24.00 -17.76
CA GLY B 143 -4.46 24.79 -16.80
C GLY B 143 -3.14 24.15 -16.40
N SER B 144 -3.07 22.83 -16.53
CA SER B 144 -1.85 22.11 -16.20
C SER B 144 -1.59 20.97 -17.20
N THR B 145 -0.57 20.17 -16.90
CA THR B 145 -0.11 19.15 -17.83
C THR B 145 -1.19 18.11 -18.12
N ILE B 146 -1.16 17.57 -19.34
CA ILE B 146 -2.13 16.58 -19.79
C ILE B 146 -1.63 15.17 -19.52
N LEU B 147 -2.49 14.33 -18.94
CA LEU B 147 -2.07 13.02 -18.45
C LEU B 147 -2.68 11.84 -19.22
N CYS B 148 -3.89 12.01 -19.76
CA CYS B 148 -4.52 10.95 -20.53
C CYS B 148 -5.35 11.48 -21.69
N SER B 149 -5.49 10.67 -22.73
CA SER B 149 -6.23 11.04 -23.93
C SER B 149 -6.87 9.81 -24.56
N ALA B 150 -7.98 10.01 -25.27
CA ALA B 150 -8.71 8.92 -25.91
C ALA B 150 -9.66 9.41 -27.00
N PHE B 151 -9.48 8.89 -28.21
CA PHE B 151 -10.45 9.13 -29.27
C PHE B 151 -11.73 8.32 -28.99
N ALA B 152 -12.83 8.75 -29.58
CA ALA B 152 -14.06 7.96 -29.56
C ALA B 152 -13.89 6.72 -30.43
N PRO B 153 -14.62 5.64 -30.12
CA PRO B 153 -14.51 4.41 -30.93
C PRO B 153 -15.38 4.47 -32.18
N HIS B 154 -16.38 5.33 -32.19
CA HIS B 154 -17.35 5.37 -33.28
C HIS B 154 -17.09 6.51 -34.25
N THR B 155 -16.10 7.34 -33.93
CA THR B 155 -15.74 8.48 -34.77
C THR B 155 -14.41 9.11 -34.35
N SER B 156 -13.79 9.84 -35.27
CA SER B 156 -12.54 10.54 -34.99
C SER B 156 -12.79 12.03 -34.77
N SER B 157 -14.06 12.43 -34.88
CA SER B 157 -14.42 13.83 -34.75
C SER B 157 -14.40 14.29 -33.29
N ARG B 158 -14.37 13.34 -32.36
CA ARG B 158 -14.35 13.68 -30.95
C ARG B 158 -13.27 12.94 -30.17
N MET B 159 -12.57 13.68 -29.31
CA MET B 159 -11.54 13.11 -28.46
C MET B 159 -11.62 13.72 -27.06
N VAL B 160 -11.57 12.87 -26.03
CA VAL B 160 -11.58 13.36 -24.65
C VAL B 160 -10.17 13.30 -24.07
N THR B 161 -9.89 14.21 -23.14
CA THR B 161 -8.57 14.31 -22.54
C THR B 161 -8.67 14.50 -21.03
N GLY B 162 -7.60 14.17 -20.30
CA GLY B 162 -7.57 14.34 -18.87
C GLY B 162 -6.30 15.06 -18.42
N ALA B 163 -6.45 16.04 -17.53
CA ALA B 163 -5.31 16.88 -17.14
C ALA B 163 -5.18 17.06 -15.63
N GLY B 164 -4.07 17.67 -15.21
CA GLY B 164 -3.79 17.90 -13.81
C GLY B 164 -4.34 19.21 -13.28
N ASP B 165 -5.31 19.77 -13.99
CA ASP B 165 -6.03 20.94 -13.51
C ASP B 165 -7.43 20.53 -13.05
N ASN B 166 -7.55 19.25 -12.68
CA ASN B 166 -8.78 18.65 -12.17
C ASN B 166 -9.91 18.59 -13.20
N THR B 167 -9.58 18.80 -14.47
CA THR B 167 -10.59 18.83 -15.50
C THR B 167 -10.36 17.82 -16.63
N ALA B 168 -11.45 17.43 -17.28
CA ALA B 168 -11.40 16.65 -18.50
C ALA B 168 -12.04 17.49 -19.60
N ARG B 169 -11.51 17.40 -20.81
CA ARG B 169 -12.05 18.21 -21.91
C ARG B 169 -12.38 17.36 -23.12
N ILE B 170 -13.53 17.64 -23.72
CA ILE B 170 -13.92 17.01 -24.98
C ILE B 170 -13.65 17.98 -26.13
N TRP B 171 -13.05 17.49 -27.21
CA TRP B 171 -12.69 18.36 -28.33
C TRP B 171 -13.43 18.01 -29.60
N ASP B 172 -13.74 19.02 -30.40
CA ASP B 172 -14.27 18.83 -31.74
C ASP B 172 -13.08 18.80 -32.69
N CYS B 173 -12.66 17.60 -33.04
CA CYS B 173 -11.45 17.42 -33.85
C CYS B 173 -11.63 17.90 -35.29
N ASP B 174 -12.88 18.00 -35.73
CA ASP B 174 -13.18 18.49 -37.08
C ASP B 174 -12.78 19.94 -37.25
N THR B 175 -13.11 20.77 -36.26
CA THR B 175 -12.79 22.20 -36.31
C THR B 175 -11.64 22.57 -35.39
N GLN B 176 -11.06 21.55 -34.73
CA GLN B 176 -9.92 21.74 -33.82
C GLN B 176 -10.20 22.80 -32.76
N THR B 177 -11.33 22.67 -32.07
CA THR B 177 -11.73 23.63 -31.04
C THR B 177 -12.19 22.92 -29.77
N PRO B 178 -12.10 23.60 -28.61
CA PRO B 178 -12.70 23.09 -27.38
C PRO B 178 -14.20 22.91 -27.54
N MET B 179 -14.75 21.89 -26.91
CA MET B 179 -16.18 21.63 -27.03
C MET B 179 -16.85 21.63 -25.66
N HIS B 180 -16.27 20.91 -24.72
CA HIS B 180 -16.80 20.85 -23.36
C HIS B 180 -15.70 20.85 -22.33
N THR B 181 -16.00 21.40 -21.16
CA THR B 181 -15.06 21.34 -20.04
C THR B 181 -15.71 20.57 -18.90
N LEU B 182 -15.27 19.34 -18.70
CA LEU B 182 -15.86 18.46 -17.69
C LEU B 182 -15.31 18.77 -16.29
N LYS B 183 -16.14 19.39 -15.46
CA LYS B 183 -15.74 19.81 -14.12
C LYS B 183 -16.52 19.09 -13.04
N GLY B 184 -15.83 18.71 -11.96
CA GLY B 184 -16.45 17.99 -10.87
C GLY B 184 -15.46 17.28 -9.99
N HIS B 185 -14.24 17.11 -10.48
CA HIS B 185 -13.17 16.48 -9.70
C HIS B 185 -12.44 17.53 -8.89
N TYR B 186 -11.93 17.15 -7.72
CA TYR B 186 -11.12 18.06 -6.91
C TYR B 186 -9.70 17.53 -6.82
N ASN B 187 -9.35 16.62 -7.71
CA ASN B 187 -7.97 16.19 -7.87
C ASN B 187 -7.74 15.74 -9.32
N TRP B 188 -6.49 15.45 -9.66
CA TRP B 188 -6.09 15.16 -11.03
C TRP B 188 -6.88 14.05 -11.70
N VAL B 189 -7.34 14.30 -12.91
CA VAL B 189 -7.97 13.26 -13.71
C VAL B 189 -6.89 12.35 -14.28
N LEU B 190 -6.76 11.14 -13.73
CA LEU B 190 -5.67 10.24 -14.10
C LEU B 190 -5.95 9.42 -15.35
N CYS B 191 -7.19 8.95 -15.52
CA CYS B 191 -7.51 8.11 -16.67
C CYS B 191 -8.91 8.35 -17.21
N VAL B 192 -8.99 8.55 -18.53
CA VAL B 192 -10.26 8.67 -19.22
C VAL B 192 -10.44 7.52 -20.21
N SER B 193 -11.68 7.11 -20.44
CA SER B 193 -11.94 6.05 -21.41
C SER B 193 -13.37 6.06 -21.92
N TRP B 194 -13.52 5.99 -23.24
CA TRP B 194 -14.84 5.93 -23.86
C TRP B 194 -15.47 4.57 -23.64
N SER B 195 -16.79 4.55 -23.50
CA SER B 195 -17.53 3.30 -23.52
C SER B 195 -17.41 2.66 -24.92
N PRO B 196 -17.39 1.32 -24.99
CA PRO B 196 -17.25 0.60 -26.26
C PRO B 196 -18.37 0.90 -27.26
N ASP B 197 -19.50 1.42 -26.79
CA ASP B 197 -20.55 1.87 -27.71
C ASP B 197 -20.53 3.38 -27.90
N GLY B 198 -19.57 4.05 -27.26
CA GLY B 198 -19.37 5.48 -27.44
C GLY B 198 -20.44 6.37 -26.84
N GLU B 199 -21.30 5.80 -26.01
CA GLU B 199 -22.39 6.57 -25.42
C GLU B 199 -21.97 7.33 -24.15
N VAL B 200 -20.98 6.82 -23.43
CA VAL B 200 -20.60 7.37 -22.14
C VAL B 200 -19.09 7.54 -22.00
N ILE B 201 -18.65 8.61 -21.36
CA ILE B 201 -17.24 8.81 -21.02
C ILE B 201 -17.03 8.64 -19.50
N ALA B 202 -15.96 7.94 -19.12
CA ALA B 202 -15.65 7.77 -17.70
C ALA B 202 -14.29 8.39 -17.36
N THR B 203 -14.22 8.99 -16.18
CA THR B 203 -12.98 9.61 -15.71
C THR B 203 -12.60 9.07 -14.33
N GLY B 204 -11.34 8.69 -14.17
CA GLY B 204 -10.83 8.28 -12.87
C GLY B 204 -9.96 9.40 -12.35
N SER B 205 -9.91 9.58 -11.04
CA SER B 205 -9.22 10.73 -10.48
C SER B 205 -8.53 10.43 -9.15
N MET B 206 -7.65 11.34 -8.73
CA MET B 206 -6.95 11.19 -7.47
C MET B 206 -7.82 11.59 -6.29
N ASP B 207 -9.08 11.94 -6.58
CA ASP B 207 -10.04 12.28 -5.55
C ASP B 207 -10.83 11.04 -5.14
N ASN B 208 -10.36 9.88 -5.61
CA ASN B 208 -10.90 8.56 -5.27
C ASN B 208 -12.27 8.26 -5.89
N THR B 209 -12.74 9.13 -6.78
CA THR B 209 -14.08 8.95 -7.34
C THR B 209 -14.05 8.67 -8.84
N ILE B 210 -15.19 8.24 -9.37
CA ILE B 210 -15.34 8.04 -10.81
C ILE B 210 -16.57 8.78 -11.29
N ARG B 211 -16.38 9.65 -12.29
CA ARG B 211 -17.49 10.40 -12.85
C ARG B 211 -17.81 9.96 -14.27
N LEU B 212 -19.12 9.88 -14.57
CA LEU B 212 -19.59 9.53 -15.90
C LEU B 212 -20.15 10.77 -16.59
N TRP B 213 -19.78 10.96 -17.85
CA TRP B 213 -20.17 12.14 -18.60
C TRP B 213 -20.95 11.77 -19.85
N ASP B 214 -21.88 12.64 -20.24
CA ASP B 214 -22.57 12.56 -21.51
C ASP B 214 -21.79 13.40 -22.52
N PRO B 215 -21.19 12.75 -23.53
CA PRO B 215 -20.31 13.39 -24.50
C PRO B 215 -21.00 14.47 -25.34
N LYS B 216 -22.32 14.39 -25.45
CA LYS B 216 -23.07 15.36 -26.24
C LYS B 216 -23.29 16.66 -25.47
N SER B 217 -23.75 16.53 -24.22
CA SER B 217 -24.04 17.70 -23.40
C SER B 217 -22.81 18.20 -22.65
N GLY B 218 -21.94 17.27 -22.28
CA GLY B 218 -20.75 17.61 -21.52
C GLY B 218 -21.06 17.76 -20.05
N GLN B 219 -22.16 17.13 -19.62
CA GLN B 219 -22.64 17.26 -18.26
C GLN B 219 -22.46 15.94 -17.51
N CYS B 220 -22.20 16.04 -16.21
CA CYS B 220 -22.02 14.84 -15.38
C CYS B 220 -23.37 14.15 -15.15
N LEU B 221 -23.41 12.83 -15.36
CA LEU B 221 -24.62 12.06 -15.18
C LEU B 221 -24.77 11.59 -13.72
N GLY B 222 -25.66 12.23 -12.98
CA GLY B 222 -25.87 11.88 -11.59
C GLY B 222 -24.69 12.24 -10.69
N ASP B 223 -24.54 11.50 -9.61
CA ASP B 223 -23.46 11.73 -8.67
C ASP B 223 -22.25 10.87 -9.05
N ALA B 224 -21.07 11.26 -8.58
CA ALA B 224 -19.86 10.51 -8.81
C ALA B 224 -19.93 9.15 -8.13
N LEU B 225 -19.23 8.16 -8.69
CA LEU B 225 -19.21 6.82 -8.12
C LEU B 225 -18.22 6.76 -6.96
N ARG B 226 -18.72 6.52 -5.76
CA ARG B 226 -17.86 6.48 -4.58
C ARG B 226 -17.83 5.13 -3.89
N GLY B 227 -16.62 4.73 -3.48
CA GLY B 227 -16.44 3.46 -2.81
C GLY B 227 -14.96 3.26 -2.56
N HIS B 228 -14.15 3.65 -3.54
CA HIS B 228 -12.70 3.53 -3.42
C HIS B 228 -12.15 4.54 -2.43
N SER B 229 -11.15 4.11 -1.67
CA SER B 229 -10.55 4.91 -0.62
C SER B 229 -9.31 5.65 -1.08
N LYS B 230 -8.79 5.26 -2.24
CA LYS B 230 -7.58 5.87 -2.77
C LYS B 230 -7.70 6.13 -4.27
N TRP B 231 -6.58 6.44 -4.90
CA TRP B 231 -6.56 6.82 -6.30
C TRP B 231 -7.18 5.76 -7.20
N ILE B 232 -7.92 6.22 -8.20
CA ILE B 232 -8.35 5.35 -9.30
C ILE B 232 -7.13 5.14 -10.18
N THR B 233 -6.73 3.89 -10.36
CA THR B 233 -5.54 3.59 -11.15
C THR B 233 -5.85 3.24 -12.61
N SER B 234 -6.90 2.47 -12.85
CA SER B 234 -7.27 2.09 -14.22
C SER B 234 -8.78 1.87 -14.37
N LEU B 235 -9.25 1.96 -15.62
CA LEU B 235 -10.65 1.72 -15.94
C LEU B 235 -10.79 0.72 -17.08
N SER B 236 -11.74 -0.20 -16.96
CA SER B 236 -11.98 -1.18 -18.01
C SER B 236 -13.49 -1.41 -18.20
N TRP B 237 -13.95 -1.32 -19.45
CA TRP B 237 -15.36 -1.54 -19.74
C TRP B 237 -15.67 -2.98 -20.10
N GLU B 238 -16.88 -3.43 -19.77
CA GLU B 238 -17.36 -4.74 -20.21
C GLU B 238 -17.55 -4.74 -21.74
N PRO B 239 -16.94 -5.71 -22.43
CA PRO B 239 -17.04 -5.86 -23.90
C PRO B 239 -18.47 -5.98 -24.42
N ILE B 240 -18.78 -5.29 -25.51
CA ILE B 240 -20.14 -5.31 -26.08
C ILE B 240 -20.65 -6.70 -26.47
N HIS B 241 -19.77 -7.54 -27.01
CA HIS B 241 -20.19 -8.86 -27.46
C HIS B 241 -20.62 -9.76 -26.29
N LEU B 242 -20.32 -9.33 -25.07
CA LEU B 242 -20.70 -10.08 -23.87
C LEU B 242 -21.94 -9.48 -23.23
N VAL B 243 -22.24 -8.24 -23.60
CA VAL B 243 -23.40 -7.53 -23.08
C VAL B 243 -24.68 -7.89 -23.84
N LYS B 244 -25.67 -8.38 -23.09
CA LYS B 244 -26.99 -8.66 -23.64
C LYS B 244 -27.60 -7.45 -24.33
N PRO B 245 -28.11 -7.64 -25.56
CA PRO B 245 -28.75 -6.56 -26.32
C PRO B 245 -29.87 -5.88 -25.56
N GLY B 246 -29.79 -4.55 -25.44
CA GLY B 246 -30.78 -3.80 -24.67
C GLY B 246 -30.20 -3.36 -23.34
N SER B 247 -29.14 -4.04 -22.91
CA SER B 247 -28.41 -3.68 -21.69
C SER B 247 -27.20 -2.83 -22.03
N LYS B 248 -26.53 -2.33 -21.00
CA LYS B 248 -25.33 -1.54 -21.21
C LYS B 248 -24.11 -2.17 -20.52
N PRO B 249 -22.92 -1.91 -21.06
CA PRO B 249 -21.69 -2.45 -20.48
C PRO B 249 -21.40 -1.94 -19.08
N ARG B 250 -21.12 -2.85 -18.16
CA ARG B 250 -20.71 -2.50 -16.81
C ARG B 250 -19.27 -1.99 -16.80
N LEU B 251 -18.93 -1.23 -15.76
CA LEU B 251 -17.61 -0.63 -15.66
C LEU B 251 -16.80 -1.24 -14.52
N ALA B 252 -15.55 -1.58 -14.80
CA ALA B 252 -14.64 -2.05 -13.76
C ALA B 252 -13.60 -1.00 -13.45
N SER B 253 -13.29 -0.84 -12.16
CA SER B 253 -12.27 0.12 -11.76
C SER B 253 -11.31 -0.49 -10.75
N SER B 254 -10.04 -0.15 -10.86
CA SER B 254 -9.05 -0.57 -9.88
C SER B 254 -8.54 0.62 -9.09
N SER B 255 -8.07 0.38 -7.86
CA SER B 255 -7.61 1.47 -7.01
C SER B 255 -6.40 1.10 -6.15
N LYS B 256 -5.76 2.11 -5.58
CA LYS B 256 -4.64 1.90 -4.66
C LYS B 256 -5.10 1.30 -3.34
N ASP B 257 -6.39 1.36 -3.06
CA ASP B 257 -6.92 0.80 -1.81
C ASP B 257 -6.84 -0.71 -1.83
N GLY B 258 -6.62 -1.28 -3.01
CA GLY B 258 -6.38 -2.70 -3.13
C GLY B 258 -7.58 -3.49 -3.60
N THR B 259 -8.57 -2.80 -4.15
CA THR B 259 -9.79 -3.46 -4.60
C THR B 259 -10.12 -3.17 -6.06
N ILE B 260 -10.99 -3.99 -6.61
CA ILE B 260 -11.57 -3.74 -7.92
C ILE B 260 -13.09 -3.72 -7.76
N LYS B 261 -13.75 -2.73 -8.36
CA LYS B 261 -15.20 -2.62 -8.23
C LYS B 261 -15.90 -2.69 -9.58
N ILE B 262 -17.03 -3.40 -9.62
CA ILE B 262 -17.85 -3.47 -10.81
C ILE B 262 -19.06 -2.56 -10.70
N TRP B 263 -19.11 -1.51 -11.52
CA TRP B 263 -20.20 -0.55 -11.45
C TRP B 263 -21.27 -0.74 -12.54
N ASP B 264 -22.53 -0.60 -12.14
CA ASP B 264 -23.64 -0.54 -13.10
C ASP B 264 -23.88 0.92 -13.47
N THR B 265 -23.94 1.22 -14.76
CA THR B 265 -24.02 2.60 -15.21
C THR B 265 -25.46 3.10 -15.22
N VAL B 266 -26.41 2.21 -14.97
CA VAL B 266 -27.82 2.58 -15.01
C VAL B 266 -28.39 2.75 -13.61
N SER B 267 -28.35 1.68 -12.82
CA SER B 267 -28.83 1.71 -11.44
C SER B 267 -27.84 2.41 -10.53
N ARG B 268 -26.62 2.63 -11.03
CA ARG B 268 -25.53 3.29 -10.31
C ARG B 268 -24.99 2.48 -9.14
N VAL B 269 -25.53 1.27 -8.96
CA VAL B 269 -25.14 0.41 -7.85
C VAL B 269 -23.80 -0.25 -8.09
N CYS B 270 -22.94 -0.23 -7.07
CA CYS B 270 -21.73 -1.02 -7.13
C CYS B 270 -22.09 -2.49 -6.98
N GLN B 271 -21.94 -3.24 -8.07
CA GLN B 271 -22.43 -4.61 -8.10
C GLN B 271 -21.50 -5.59 -7.41
N TYR B 272 -20.21 -5.45 -7.65
CA TYR B 272 -19.21 -6.35 -7.09
C TYR B 272 -18.03 -5.59 -6.52
N THR B 273 -17.50 -6.10 -5.42
CA THR B 273 -16.24 -5.63 -4.92
C THR B 273 -15.28 -6.82 -4.82
N MET B 274 -14.39 -6.93 -5.80
CA MET B 274 -13.41 -8.01 -5.82
C MET B 274 -12.21 -7.67 -4.96
N SER B 275 -12.06 -8.41 -3.86
CA SER B 275 -10.97 -8.17 -2.93
C SER B 275 -10.13 -9.42 -2.70
N GLY B 276 -8.84 -9.20 -2.46
CA GLY B 276 -7.91 -10.29 -2.22
C GLY B 276 -6.47 -9.81 -2.27
N HIS B 277 -6.22 -8.85 -3.16
CA HIS B 277 -4.90 -8.23 -3.28
C HIS B 277 -4.49 -7.62 -1.95
N THR B 278 -3.23 -7.85 -1.56
CA THR B 278 -2.75 -7.35 -0.29
C THR B 278 -1.96 -6.06 -0.47
N ASN B 279 -2.09 -5.47 -1.65
CA ASN B 279 -1.45 -4.19 -1.94
C ASN B 279 -2.19 -3.49 -3.07
N SER B 280 -1.69 -2.32 -3.44
CA SER B 280 -2.34 -1.48 -4.43
C SER B 280 -2.53 -2.19 -5.77
N VAL B 281 -3.75 -2.17 -6.28
CA VAL B 281 -4.02 -2.68 -7.62
C VAL B 281 -3.61 -1.66 -8.67
N SER B 282 -2.77 -2.08 -9.61
CA SER B 282 -2.16 -1.16 -10.57
C SER B 282 -2.94 -1.02 -11.87
N CYS B 283 -3.68 -2.06 -12.24
CA CYS B 283 -4.39 -2.10 -13.51
C CYS B 283 -5.37 -3.26 -13.57
N VAL B 284 -6.43 -3.10 -14.35
CA VAL B 284 -7.42 -4.14 -14.53
C VAL B 284 -7.89 -4.18 -15.98
N LYS B 285 -8.13 -5.38 -16.48
CA LYS B 285 -8.62 -5.57 -17.84
C LYS B 285 -9.80 -6.51 -17.86
N TRP B 286 -10.89 -6.08 -18.47
CA TRP B 286 -12.07 -6.92 -18.64
C TRP B 286 -11.92 -7.70 -19.94
N GLY B 287 -11.68 -9.00 -19.83
CA GLY B 287 -11.46 -9.84 -20.99
C GLY B 287 -12.72 -10.19 -21.75
N GLY B 288 -12.55 -10.75 -22.95
CA GLY B 288 -13.68 -11.09 -23.80
C GLY B 288 -14.31 -12.43 -23.49
N GLN B 289 -14.03 -12.97 -22.30
CA GLN B 289 -14.65 -14.22 -21.86
C GLN B 289 -15.22 -14.14 -20.47
N GLY B 290 -15.47 -12.91 -20.01
CA GLY B 290 -16.06 -12.70 -18.70
C GLY B 290 -15.06 -12.88 -17.58
N LEU B 291 -13.79 -12.79 -17.93
CA LEU B 291 -12.72 -12.88 -16.95
C LEU B 291 -11.97 -11.56 -16.85
N LEU B 292 -11.78 -11.07 -15.63
CA LEU B 292 -11.03 -9.85 -15.43
C LEU B 292 -9.65 -10.15 -14.91
N TYR B 293 -8.66 -9.44 -15.44
CA TYR B 293 -7.28 -9.62 -15.02
C TYR B 293 -6.78 -8.37 -14.30
N SER B 294 -6.17 -8.57 -13.13
CA SER B 294 -5.66 -7.45 -12.36
C SER B 294 -4.20 -7.63 -11.98
N GLY B 295 -3.41 -6.57 -12.17
CA GLY B 295 -2.02 -6.56 -11.73
C GLY B 295 -1.85 -5.66 -10.53
N SER B 296 -0.99 -6.06 -9.60
CA SER B 296 -0.86 -5.31 -8.34
C SER B 296 0.54 -5.31 -7.72
N HIS B 297 0.71 -4.48 -6.70
CA HIS B 297 1.99 -4.34 -6.02
C HIS B 297 2.27 -5.49 -5.07
N ASP B 298 1.31 -6.40 -4.92
CA ASP B 298 1.55 -7.62 -4.16
C ASP B 298 2.25 -8.68 -5.02
N ARG B 299 2.73 -8.27 -6.20
CA ARG B 299 3.48 -9.12 -7.14
C ARG B 299 2.64 -10.28 -7.67
N THR B 300 1.33 -10.08 -7.69
CA THR B 300 0.41 -11.14 -8.03
C THR B 300 -0.53 -10.69 -9.14
N VAL B 301 -0.94 -11.62 -10.00
CA VAL B 301 -1.99 -11.34 -10.97
C VAL B 301 -3.18 -12.22 -10.65
N ARG B 302 -4.35 -11.63 -10.48
CA ARG B 302 -5.54 -12.39 -10.14
C ARG B 302 -6.54 -12.43 -11.30
N VAL B 303 -7.23 -13.55 -11.43
CA VAL B 303 -8.24 -13.74 -12.46
C VAL B 303 -9.62 -13.86 -11.81
N TRP B 304 -10.50 -12.92 -12.10
CA TRP B 304 -11.83 -12.93 -11.52
C TRP B 304 -12.88 -13.33 -12.57
N ASP B 305 -13.85 -14.13 -12.16
CA ASP B 305 -14.88 -14.60 -13.09
C ASP B 305 -16.23 -13.96 -12.79
N ILE B 306 -16.69 -13.11 -13.70
CA ILE B 306 -17.92 -12.37 -13.47
C ILE B 306 -19.16 -13.28 -13.49
N ASN B 307 -19.06 -14.43 -14.16
CA ASN B 307 -20.17 -15.38 -14.20
C ASN B 307 -20.23 -16.27 -12.97
N SER B 308 -19.28 -16.09 -12.06
CA SER B 308 -19.25 -16.83 -10.80
C SER B 308 -19.21 -15.87 -9.62
N GLN B 309 -20.13 -14.91 -9.62
CA GLN B 309 -20.28 -13.95 -8.53
C GLN B 309 -19.02 -13.12 -8.31
N GLY B 310 -18.12 -13.11 -9.30
CA GLY B 310 -16.89 -12.34 -9.22
C GLY B 310 -15.78 -13.05 -8.46
N ARG B 311 -15.89 -14.36 -8.31
CA ARG B 311 -14.91 -15.14 -7.57
C ARG B 311 -13.56 -15.20 -8.26
N CYS B 312 -12.50 -15.08 -7.48
CA CYS B 312 -11.13 -15.28 -7.97
C CYS B 312 -10.91 -16.76 -8.27
N ILE B 313 -10.50 -17.06 -9.49
CA ILE B 313 -10.30 -18.46 -9.88
C ILE B 313 -8.82 -18.80 -10.07
N ASN B 314 -7.98 -17.79 -10.13
CA ASN B 314 -6.55 -18.00 -10.33
C ASN B 314 -5.67 -16.93 -9.69
N ILE B 315 -4.55 -17.35 -9.13
CA ILE B 315 -3.54 -16.41 -8.64
C ILE B 315 -2.21 -16.68 -9.33
N LEU B 316 -1.72 -15.69 -10.06
CA LEU B 316 -0.49 -15.83 -10.84
C LEU B 316 0.71 -15.20 -10.12
N LYS B 317 1.60 -16.04 -9.60
CA LYS B 317 2.68 -15.58 -8.73
C LYS B 317 4.08 -15.80 -9.29
N SER B 318 4.29 -15.45 -10.56
CA SER B 318 5.60 -15.64 -11.17
C SER B 318 6.45 -14.37 -11.09
N HIS B 319 5.81 -13.26 -10.75
CA HIS B 319 6.53 -12.00 -10.61
C HIS B 319 7.26 -11.91 -9.27
N ALA B 320 8.44 -11.31 -9.29
CA ALA B 320 9.22 -11.11 -8.07
C ALA B 320 9.10 -9.68 -7.57
N HIS B 321 8.60 -8.79 -8.43
CA HIS B 321 8.45 -7.38 -8.08
C HIS B 321 7.06 -6.86 -8.44
N TRP B 322 6.83 -5.57 -8.21
CA TRP B 322 5.53 -4.96 -8.45
C TRP B 322 5.05 -5.18 -9.88
N VAL B 323 3.77 -5.46 -10.04
CA VAL B 323 3.15 -5.51 -11.35
C VAL B 323 2.55 -4.14 -11.70
N ASN B 324 3.19 -3.43 -12.61
CA ASN B 324 2.77 -2.09 -13.00
C ASN B 324 1.78 -2.03 -14.17
N HIS B 325 1.92 -2.97 -15.10
CA HIS B 325 1.13 -2.92 -16.33
C HIS B 325 0.56 -4.28 -16.70
N LEU B 326 -0.59 -4.26 -17.37
CA LEU B 326 -1.24 -5.48 -17.85
C LEU B 326 -2.00 -5.15 -19.12
N SER B 327 -1.72 -5.89 -20.18
CA SER B 327 -2.41 -5.66 -21.43
C SER B 327 -2.80 -6.96 -22.10
N LEU B 328 -3.94 -6.96 -22.79
CA LEU B 328 -4.46 -8.14 -23.46
C LEU B 328 -4.29 -8.03 -24.97
N SER B 329 -4.24 -9.17 -25.64
CA SER B 329 -4.12 -9.22 -27.10
C SER B 329 -5.41 -8.76 -27.78
N THR B 330 -6.52 -8.87 -27.07
CA THR B 330 -7.81 -8.50 -27.62
C THR B 330 -8.20 -7.06 -27.23
N ASP B 331 -7.29 -6.36 -26.56
CA ASP B 331 -7.59 -5.03 -26.02
C ASP B 331 -8.14 -4.04 -27.04
N TYR B 332 -7.56 -4.03 -28.23
CA TYR B 332 -8.01 -3.11 -29.27
C TYR B 332 -9.46 -3.41 -29.67
N ALA B 333 -9.74 -4.68 -29.94
CA ALA B 333 -11.07 -5.09 -30.35
C ALA B 333 -12.11 -4.83 -29.26
N LEU B 334 -11.70 -5.00 -28.00
CA LEU B 334 -12.61 -4.82 -26.87
C LEU B 334 -12.96 -3.34 -26.65
N ARG B 335 -12.05 -2.45 -27.03
CA ARG B 335 -12.25 -1.03 -26.83
C ARG B 335 -13.29 -0.42 -27.79
N ILE B 336 -13.31 -0.90 -29.03
CA ILE B 336 -14.19 -0.30 -30.03
C ILE B 336 -15.43 -1.13 -30.36
N GLY B 337 -15.45 -2.39 -29.91
CA GLY B 337 -16.63 -3.23 -30.06
C GLY B 337 -17.11 -3.48 -31.47
N ALA B 338 -18.27 -2.93 -31.81
CA ALA B 338 -18.90 -3.17 -33.11
C ALA B 338 -18.40 -2.21 -34.18
N PHE B 339 -17.67 -1.19 -33.76
CA PHE B 339 -17.14 -0.19 -34.69
C PHE B 339 -15.79 -0.59 -35.28
N ASP B 340 -15.42 0.07 -36.37
CA ASP B 340 -14.13 -0.16 -37.02
C ASP B 340 -13.70 1.11 -37.76
N HIS B 341 -12.86 0.94 -38.77
CA HIS B 341 -12.27 2.09 -39.47
C HIS B 341 -13.27 2.84 -40.35
N THR B 342 -14.27 2.13 -40.86
CA THR B 342 -15.27 2.76 -41.73
C THR B 342 -16.11 3.77 -40.96
N GLY B 343 -16.54 3.41 -39.75
CA GLY B 343 -17.36 4.28 -38.94
C GLY B 343 -18.83 3.98 -39.06
N LYS B 344 -19.16 2.96 -39.86
CA LYS B 344 -20.54 2.49 -39.98
C LYS B 344 -21.08 2.05 -38.62
N LYS B 345 -22.24 2.57 -38.27
CA LYS B 345 -22.85 2.31 -36.97
C LYS B 345 -23.97 1.28 -37.10
N PRO B 346 -23.97 0.28 -36.20
CA PRO B 346 -24.97 -0.80 -36.21
C PRO B 346 -26.40 -0.28 -35.98
N SER B 347 -27.35 -0.83 -36.73
CA SER B 347 -28.71 -0.32 -36.70
C SER B 347 -29.46 -0.74 -35.44
N THR B 348 -29.31 -1.99 -35.04
CA THR B 348 -30.03 -2.51 -33.88
C THR B 348 -29.07 -3.01 -32.81
N PRO B 349 -29.49 -2.94 -31.53
CA PRO B 349 -28.68 -3.46 -30.42
C PRO B 349 -28.31 -4.93 -30.60
N GLU B 350 -29.18 -5.71 -31.21
CA GLU B 350 -28.89 -7.11 -31.49
C GLU B 350 -27.76 -7.21 -32.52
N GLU B 351 -27.80 -6.31 -33.49
CA GLU B 351 -26.80 -6.27 -34.56
C GLU B 351 -25.44 -5.86 -34.02
N ALA B 352 -25.43 -4.85 -33.14
CA ALA B 352 -24.21 -4.38 -32.52
C ALA B 352 -23.54 -5.51 -31.72
N GLN B 353 -24.35 -6.33 -31.07
CA GLN B 353 -23.86 -7.49 -30.33
C GLN B 353 -23.17 -8.51 -31.27
N LYS B 354 -23.73 -8.70 -32.45
CA LYS B 354 -23.18 -9.66 -33.41
C LYS B 354 -21.93 -9.13 -34.09
N LYS B 355 -21.89 -7.82 -34.31
CA LYS B 355 -20.77 -7.21 -35.00
C LYS B 355 -19.53 -7.19 -34.11
N ALA B 356 -19.71 -6.86 -32.84
CA ALA B 356 -18.61 -6.86 -31.88
C ALA B 356 -18.10 -8.29 -31.65
N LEU B 357 -19.01 -9.26 -31.73
CA LEU B 357 -18.65 -10.66 -31.60
C LEU B 357 -17.83 -11.13 -32.80
N GLU B 358 -18.18 -10.62 -33.98
CA GLU B 358 -17.43 -10.95 -35.19
C GLU B 358 -16.01 -10.43 -35.09
N ASN B 359 -15.86 -9.20 -34.60
CA ASN B 359 -14.56 -8.56 -34.51
C ASN B 359 -13.69 -9.20 -33.44
N TYR B 360 -14.33 -9.70 -32.39
CA TYR B 360 -13.61 -10.34 -31.30
C TYR B 360 -13.05 -11.69 -31.74
N GLU B 361 -13.90 -12.52 -32.33
CA GLU B 361 -13.48 -13.86 -32.76
C GLU B 361 -12.54 -13.79 -33.95
N LYS B 362 -12.47 -12.61 -34.56
CA LYS B 362 -11.58 -12.38 -35.68
C LYS B 362 -10.13 -12.34 -35.22
N ILE B 363 -9.93 -11.90 -33.98
CA ILE B 363 -8.60 -11.65 -33.43
C ILE B 363 -8.08 -12.84 -32.61
N CYS B 364 -8.95 -13.45 -31.80
CA CYS B 364 -8.49 -14.44 -30.83
C CYS B 364 -8.73 -15.88 -31.26
N LYS B 365 -9.80 -16.14 -32.01
CA LYS B 365 -10.04 -17.47 -32.54
C LYS B 365 -9.18 -17.72 -33.78
N LYS B 366 -8.10 -18.46 -33.58
CA LYS B 366 -7.12 -18.73 -34.64
C LYS B 366 -7.18 -20.17 -35.11
N ASN B 367 -6.89 -21.10 -34.21
CA ASN B 367 -6.85 -22.53 -34.52
C ASN B 367 -8.21 -23.20 -34.39
N GLY B 368 -9.27 -22.39 -34.41
CA GLY B 368 -10.61 -22.89 -34.17
C GLY B 368 -10.95 -22.81 -32.69
N ASN B 369 -9.91 -22.75 -31.87
CA ASN B 369 -10.06 -22.64 -30.43
C ASN B 369 -9.61 -21.25 -29.98
N SER B 370 -10.48 -20.56 -29.25
CA SER B 370 -10.23 -19.19 -28.82
C SER B 370 -9.08 -19.08 -27.82
N GLU B 371 -8.12 -18.20 -28.12
CA GLU B 371 -6.99 -17.97 -27.22
C GLU B 371 -6.68 -16.47 -27.10
N GLU B 372 -6.75 -15.96 -25.88
CA GLU B 372 -6.45 -14.56 -25.63
C GLU B 372 -5.21 -14.45 -24.72
N MET B 373 -4.23 -13.68 -25.17
CA MET B 373 -2.94 -13.60 -24.51
C MET B 373 -2.83 -12.36 -23.64
N MET B 374 -1.88 -12.41 -22.71
CA MET B 374 -1.71 -11.34 -21.73
C MET B 374 -0.24 -11.07 -21.49
N VAL B 375 0.13 -9.79 -21.41
CA VAL B 375 1.48 -9.40 -21.08
C VAL B 375 1.49 -8.57 -19.80
N THR B 376 2.41 -8.88 -18.88
CA THR B 376 2.51 -8.13 -17.63
C THR B 376 3.90 -7.53 -17.45
N ALA B 377 3.96 -6.24 -17.15
CA ALA B 377 5.23 -5.56 -16.94
C ALA B 377 5.50 -5.27 -15.46
N SER B 378 6.75 -5.43 -15.05
CA SER B 378 7.15 -5.10 -13.68
C SER B 378 8.30 -4.08 -13.69
N ASP B 379 8.71 -3.63 -12.52
CA ASP B 379 9.78 -2.64 -12.43
C ASP B 379 11.15 -3.28 -12.20
N ASP B 380 11.27 -4.55 -12.55
CA ASP B 380 12.57 -5.19 -12.73
C ASP B 380 12.91 -5.11 -14.20
N TYR B 381 12.06 -4.37 -14.93
CA TYR B 381 12.14 -4.16 -16.38
C TYR B 381 11.75 -5.43 -17.14
N THR B 382 11.34 -6.45 -16.39
CA THR B 382 10.98 -7.74 -16.96
C THR B 382 9.49 -7.79 -17.29
N MET B 383 9.18 -8.25 -18.50
CA MET B 383 7.79 -8.47 -18.89
C MET B 383 7.53 -9.98 -18.99
N PHE B 384 6.27 -10.36 -18.82
CA PHE B 384 5.88 -11.77 -18.97
C PHE B 384 4.75 -11.94 -19.98
N LEU B 385 4.82 -12.98 -20.79
CA LEU B 385 3.74 -13.34 -21.68
C LEU B 385 2.99 -14.54 -21.13
N TRP B 386 1.67 -14.42 -21.05
CA TRP B 386 0.85 -15.49 -20.51
C TRP B 386 -0.19 -16.00 -21.51
N ASN B 387 -0.65 -17.22 -21.28
CA ASN B 387 -1.88 -17.70 -21.89
C ASN B 387 -2.76 -18.24 -20.75
N PRO B 388 -3.30 -17.33 -19.93
CA PRO B 388 -3.94 -17.64 -18.64
C PRO B 388 -5.00 -18.72 -18.72
N LEU B 389 -5.70 -18.83 -19.84
CA LEU B 389 -6.69 -19.88 -20.04
C LEU B 389 -6.03 -21.26 -20.01
N LYS B 390 -4.96 -21.41 -20.79
CA LYS B 390 -4.32 -22.70 -20.97
C LYS B 390 -3.44 -23.09 -19.79
N SER B 391 -2.46 -22.24 -19.46
CA SER B 391 -1.49 -22.56 -18.43
C SER B 391 -1.27 -21.42 -17.43
N THR B 392 -1.07 -21.79 -16.17
CA THR B 392 -0.82 -20.81 -15.11
C THR B 392 0.66 -20.41 -15.08
N LYS B 393 1.44 -21.05 -15.93
CA LYS B 393 2.85 -20.68 -16.10
C LYS B 393 3.03 -19.72 -17.26
N PRO B 394 3.93 -18.73 -17.10
CA PRO B 394 4.22 -17.77 -18.16
C PRO B 394 4.74 -18.47 -19.41
N ILE B 395 4.25 -18.04 -20.57
CA ILE B 395 4.65 -18.63 -21.84
C ILE B 395 6.06 -18.19 -22.20
N ALA B 396 6.38 -16.94 -21.90
CA ALA B 396 7.70 -16.40 -22.18
C ALA B 396 8.08 -15.29 -21.22
N ARG B 397 9.37 -14.99 -21.14
CA ARG B 397 9.87 -13.95 -20.27
C ARG B 397 10.72 -12.97 -21.07
N MET B 398 10.07 -11.95 -21.64
CA MET B 398 10.77 -10.99 -22.48
C MET B 398 11.56 -9.99 -21.64
N THR B 399 12.86 -9.94 -21.90
CA THR B 399 13.76 -9.07 -21.16
C THR B 399 14.75 -8.38 -22.10
N GLY B 400 15.22 -7.20 -21.70
CA GLY B 400 16.18 -6.47 -22.51
C GLY B 400 16.24 -4.99 -22.19
N HIS B 401 15.16 -4.47 -21.63
CA HIS B 401 15.09 -3.05 -21.28
C HIS B 401 16.04 -2.70 -20.13
N GLN B 402 16.61 -1.49 -20.20
CA GLN B 402 17.56 -1.02 -19.21
C GLN B 402 16.89 -0.16 -18.13
N LYS B 403 15.71 0.34 -18.43
CA LYS B 403 14.97 1.17 -17.47
C LYS B 403 13.50 0.81 -17.45
N LEU B 404 12.71 1.64 -16.78
CA LEU B 404 11.30 1.34 -16.50
C LEU B 404 10.48 1.22 -17.77
N VAL B 405 9.60 0.21 -17.82
CA VAL B 405 8.70 0.05 -18.96
C VAL B 405 7.39 0.80 -18.67
N ASN B 406 7.16 1.88 -19.40
CA ASN B 406 6.04 2.77 -19.09
C ASN B 406 4.77 2.49 -19.89
N HIS B 407 4.90 1.70 -20.95
CA HIS B 407 3.74 1.36 -21.77
C HIS B 407 3.93 0.07 -22.55
N VAL B 408 2.93 -0.81 -22.46
CA VAL B 408 2.93 -2.07 -23.19
C VAL B 408 1.60 -2.28 -23.90
N ALA B 409 1.64 -2.63 -25.18
CA ALA B 409 0.42 -2.83 -25.94
C ALA B 409 0.57 -3.86 -27.07
N PHE B 410 -0.43 -4.74 -27.19
CA PHE B 410 -0.51 -5.64 -28.34
C PHE B 410 -0.91 -4.88 -29.60
N SER B 411 -0.53 -5.42 -30.75
CA SER B 411 -1.03 -4.92 -32.02
C SER B 411 -2.50 -5.30 -32.14
N PRO B 412 -3.30 -4.48 -32.84
CA PRO B 412 -4.75 -4.75 -32.97
C PRO B 412 -5.08 -6.16 -33.47
N ASP B 413 -4.15 -6.83 -34.16
CA ASP B 413 -4.37 -8.20 -34.59
C ASP B 413 -3.81 -9.19 -33.59
N GLY B 414 -3.01 -8.70 -32.64
CA GLY B 414 -2.50 -9.51 -31.56
C GLY B 414 -1.23 -10.28 -31.91
N ARG B 415 -0.63 -9.95 -33.05
CA ARG B 415 0.56 -10.65 -33.53
C ARG B 415 1.84 -10.03 -32.97
N TYR B 416 1.75 -8.78 -32.55
CA TYR B 416 2.92 -8.07 -32.04
C TYR B 416 2.71 -7.52 -30.64
N ILE B 417 3.78 -7.52 -29.84
CA ILE B 417 3.80 -6.80 -28.57
C ILE B 417 4.85 -5.71 -28.66
N VAL B 418 4.49 -4.51 -28.23
CA VAL B 418 5.43 -3.40 -28.27
C VAL B 418 5.57 -2.80 -26.88
N SER B 419 6.78 -2.35 -26.52
CA SER B 419 7.02 -1.84 -25.18
C SER B 419 7.83 -0.54 -25.19
N ALA B 420 7.28 0.49 -24.57
CA ALA B 420 7.96 1.77 -24.45
C ALA B 420 8.67 1.86 -23.10
N SER B 421 9.80 2.55 -23.07
CA SER B 421 10.61 2.59 -21.85
C SER B 421 11.32 3.91 -21.61
N PHE B 422 11.92 4.03 -20.42
CA PHE B 422 12.65 5.23 -20.06
C PHE B 422 14.11 5.12 -20.49
N ASP B 423 14.43 4.02 -21.16
CA ASP B 423 15.78 3.82 -21.70
C ASP B 423 15.89 4.36 -23.12
N ASN B 424 14.93 5.19 -23.49
CA ASN B 424 14.95 6.00 -24.69
C ASN B 424 14.57 5.18 -25.93
N SER B 425 14.05 3.99 -25.69
CA SER B 425 13.85 3.01 -26.76
C SER B 425 12.48 2.34 -26.73
N ILE B 426 12.10 1.79 -27.88
CA ILE B 426 10.85 1.05 -28.02
C ILE B 426 11.16 -0.34 -28.58
N LYS B 427 10.75 -1.37 -27.87
CA LYS B 427 11.09 -2.73 -28.29
C LYS B 427 9.89 -3.50 -28.82
N LEU B 428 10.12 -4.23 -29.92
CA LEU B 428 9.08 -5.01 -30.57
C LEU B 428 9.22 -6.50 -30.28
N TRP B 429 8.10 -7.14 -29.95
CA TRP B 429 8.12 -8.56 -29.60
C TRP B 429 7.06 -9.32 -30.39
N ASP B 430 7.18 -10.64 -30.42
CA ASP B 430 6.18 -11.47 -31.09
C ASP B 430 5.02 -11.76 -30.15
N GLY B 431 3.80 -11.50 -30.61
CA GLY B 431 2.64 -11.64 -29.77
C GLY B 431 2.29 -13.05 -29.29
N ARG B 432 2.80 -14.08 -29.98
CA ARG B 432 2.35 -15.43 -29.70
C ARG B 432 3.34 -16.23 -28.85
N ASP B 433 4.64 -15.96 -29.02
CA ASP B 433 5.66 -16.68 -28.25
C ASP B 433 6.61 -15.74 -27.52
N GLY B 434 6.41 -14.43 -27.72
CA GLY B 434 7.15 -13.43 -26.96
C GLY B 434 8.62 -13.25 -27.32
N LYS B 435 9.04 -13.78 -28.47
CA LYS B 435 10.44 -13.65 -28.87
C LYS B 435 10.77 -12.24 -29.35
N PHE B 436 11.97 -11.80 -29.03
CA PHE B 436 12.41 -10.44 -29.35
C PHE B 436 12.59 -10.27 -30.85
N ILE B 437 12.31 -9.07 -31.35
CA ILE B 437 12.42 -8.80 -32.77
C ILE B 437 13.35 -7.64 -33.08
N SER B 438 12.99 -6.44 -32.62
CA SER B 438 13.75 -5.25 -32.97
C SER B 438 13.67 -4.16 -31.90
N THR B 439 14.60 -3.21 -31.97
CA THR B 439 14.58 -2.05 -31.10
C THR B 439 14.39 -0.79 -31.95
N PHE B 440 13.41 0.03 -31.58
CA PHE B 440 13.18 1.27 -32.29
C PHE B 440 13.96 2.39 -31.63
N ARG B 441 14.94 2.92 -32.35
CA ARG B 441 15.82 3.94 -31.80
C ARG B 441 15.71 5.26 -32.57
N GLY B 442 15.98 6.36 -31.89
CA GLY B 442 15.92 7.67 -32.52
C GLY B 442 15.35 8.70 -31.58
N HIS B 443 14.85 8.23 -30.45
CA HIS B 443 14.40 9.11 -29.38
C HIS B 443 15.55 9.46 -28.44
N VAL B 444 15.80 10.76 -28.29
CA VAL B 444 16.52 11.26 -27.13
C VAL B 444 15.57 11.12 -25.94
N ALA B 445 16.10 11.18 -24.71
CA ALA B 445 15.26 11.20 -23.50
C ALA B 445 14.25 10.05 -23.50
N SER B 446 13.14 10.17 -22.77
CA SER B 446 12.34 8.97 -22.52
C SER B 446 10.96 8.86 -23.21
N VAL B 447 10.40 7.65 -23.26
CA VAL B 447 9.15 7.38 -24.00
C VAL B 447 8.02 6.99 -23.03
N TYR B 448 6.89 7.71 -23.13
CA TYR B 448 5.79 7.54 -22.19
C TYR B 448 4.66 6.68 -22.73
N GLN B 449 4.48 6.68 -24.06
CA GLN B 449 3.33 5.99 -24.63
C GLN B 449 3.47 5.78 -26.14
N VAL B 450 2.88 4.68 -26.61
CA VAL B 450 2.83 4.39 -28.05
C VAL B 450 1.39 4.10 -28.45
N ALA B 451 1.09 4.23 -29.73
CA ALA B 451 -0.25 3.94 -30.22
C ALA B 451 -0.20 3.29 -31.59
N TRP B 452 -0.87 2.15 -31.72
CA TRP B 452 -0.98 1.44 -33.00
C TRP B 452 -2.02 2.06 -33.92
N SER B 453 -1.77 1.95 -35.23
CA SER B 453 -2.80 2.22 -36.21
C SER B 453 -3.73 1.01 -36.32
N SER B 454 -4.91 1.19 -36.90
CA SER B 454 -5.90 0.11 -36.96
C SER B 454 -5.47 -1.04 -37.86
N ASP B 455 -4.48 -0.79 -38.71
CA ASP B 455 -4.02 -1.81 -39.66
C ASP B 455 -2.71 -2.46 -39.23
N CYS B 456 -2.28 -2.14 -38.00
CA CYS B 456 -1.07 -2.73 -37.42
C CYS B 456 0.18 -2.48 -38.24
N ARG B 457 0.20 -1.39 -39.02
CA ARG B 457 1.32 -1.12 -39.91
C ARG B 457 2.16 0.06 -39.43
N LEU B 458 1.62 0.84 -38.50
CA LEU B 458 2.29 2.06 -38.05
C LEU B 458 2.16 2.24 -36.54
N LEU B 459 3.10 2.98 -35.98
CA LEU B 459 3.19 3.15 -34.54
C LEU B 459 3.73 4.53 -34.19
N VAL B 460 2.93 5.34 -33.51
CA VAL B 460 3.37 6.67 -33.11
C VAL B 460 3.84 6.65 -31.66
N SER B 461 4.84 7.45 -31.33
CA SER B 461 5.34 7.49 -29.95
C SER B 461 5.53 8.90 -29.42
N CYS B 462 4.98 9.17 -28.24
CA CYS B 462 5.25 10.43 -27.55
C CYS B 462 6.42 10.25 -26.60
N SER B 463 7.12 11.33 -26.30
CA SER B 463 8.34 11.22 -25.52
C SER B 463 8.68 12.47 -24.70
N LYS B 464 9.63 12.31 -23.79
CA LYS B 464 10.12 13.39 -22.96
C LYS B 464 11.00 14.34 -23.77
N ASP B 465 11.41 13.87 -24.96
CA ASP B 465 12.28 14.66 -25.82
C ASP B 465 11.51 15.65 -26.69
N THR B 466 10.29 15.98 -26.28
CA THR B 466 9.48 17.02 -26.93
C THR B 466 9.11 16.70 -28.38
N THR B 467 9.08 15.42 -28.72
CA THR B 467 8.79 15.01 -30.11
C THR B 467 7.76 13.88 -30.20
N LEU B 468 7.17 13.75 -31.38
CA LEU B 468 6.40 12.57 -31.74
C LEU B 468 7.12 11.84 -32.86
N LYS B 469 7.07 10.51 -32.85
CA LYS B 469 7.69 9.74 -33.92
C LYS B 469 6.81 8.58 -34.32
N VAL B 470 6.50 8.51 -35.62
CA VAL B 470 5.73 7.38 -36.15
C VAL B 470 6.67 6.42 -36.87
N TRP B 471 6.56 5.14 -36.51
CA TRP B 471 7.51 4.13 -36.97
C TRP B 471 6.87 3.13 -37.92
N ASP B 472 7.62 2.78 -38.96
CA ASP B 472 7.22 1.70 -39.86
C ASP B 472 7.54 0.36 -39.22
N VAL B 473 6.52 -0.44 -38.94
CA VAL B 473 6.71 -1.66 -38.16
C VAL B 473 7.09 -2.85 -39.05
N ARG B 474 6.68 -2.82 -40.31
CA ARG B 474 7.04 -3.88 -41.25
C ARG B 474 8.53 -3.85 -41.55
N THR B 475 9.05 -2.64 -41.74
CA THR B 475 10.47 -2.44 -42.03
C THR B 475 11.28 -2.28 -40.74
N ARG B 476 10.57 -2.16 -39.62
CA ARG B 476 11.17 -1.95 -38.31
C ARG B 476 12.07 -0.71 -38.27
N LYS B 477 11.66 0.34 -38.96
CA LYS B 477 12.46 1.56 -39.04
C LYS B 477 11.60 2.81 -38.85
N LEU B 478 12.26 3.93 -38.59
CA LEU B 478 11.56 5.21 -38.41
C LEU B 478 11.01 5.72 -39.74
N SER B 479 9.72 6.04 -39.75
CA SER B 479 9.08 6.53 -40.96
C SER B 479 9.14 8.04 -41.07
N VAL B 480 8.56 8.73 -40.09
CA VAL B 480 8.54 10.18 -40.10
C VAL B 480 8.63 10.74 -38.68
N ASP B 481 9.49 11.73 -38.51
CA ASP B 481 9.66 12.41 -37.23
C ASP B 481 8.72 13.61 -37.15
N LEU B 482 7.93 13.67 -36.07
CA LEU B 482 6.96 14.76 -35.89
C LEU B 482 7.29 15.64 -34.68
N PRO B 483 8.01 16.74 -34.89
CA PRO B 483 8.25 17.71 -33.83
C PRO B 483 7.14 18.75 -33.78
N GLY B 484 7.01 19.47 -32.66
CA GLY B 484 5.97 20.48 -32.54
C GLY B 484 5.76 21.00 -31.14
N HIS B 485 5.59 20.09 -30.18
CA HIS B 485 5.35 20.46 -28.79
C HIS B 485 6.48 21.30 -28.21
N LYS B 486 6.20 21.99 -27.11
CA LYS B 486 7.19 22.85 -26.49
C LYS B 486 7.79 22.20 -25.24
N ASP B 487 7.12 21.17 -24.73
CA ASP B 487 7.61 20.45 -23.54
C ASP B 487 7.38 18.95 -23.68
N GLU B 488 7.63 18.22 -22.60
CA GLU B 488 7.50 16.77 -22.57
C GLU B 488 6.10 16.33 -23.00
N VAL B 489 6.03 15.26 -23.79
CA VAL B 489 4.75 14.74 -24.26
C VAL B 489 4.41 13.43 -23.54
N TYR B 490 3.22 13.36 -22.96
CA TYR B 490 2.83 12.23 -22.11
C TYR B 490 1.78 11.29 -22.70
N THR B 491 0.92 11.81 -23.58
CA THR B 491 -0.13 10.96 -24.15
C THR B 491 -0.21 11.01 -25.67
N VAL B 492 -0.50 9.86 -26.27
CA VAL B 492 -0.81 9.76 -27.68
C VAL B 492 -1.97 8.80 -27.88
N ASP B 493 -2.73 9.01 -28.95
CA ASP B 493 -3.75 8.06 -29.35
C ASP B 493 -3.95 8.15 -30.86
N TRP B 494 -4.41 7.07 -31.46
CA TRP B 494 -4.63 7.03 -32.90
C TRP B 494 -6.05 6.62 -33.21
N SER B 495 -6.81 7.50 -33.88
CA SER B 495 -8.20 7.24 -34.21
C SER B 495 -8.36 5.99 -35.07
N VAL B 496 -9.50 5.33 -34.94
CA VAL B 496 -9.72 4.04 -35.60
C VAL B 496 -9.75 4.17 -37.12
N ASP B 497 -10.13 5.35 -37.60
CA ASP B 497 -10.16 5.59 -39.04
C ASP B 497 -8.75 5.89 -39.56
N GLY B 498 -7.79 5.95 -38.64
CA GLY B 498 -6.40 6.18 -38.99
C GLY B 498 -6.14 7.60 -39.44
N LYS B 499 -7.14 8.46 -39.32
CA LYS B 499 -7.09 9.80 -39.89
C LYS B 499 -6.34 10.80 -39.00
N ARG B 500 -6.54 10.69 -37.70
CA ARG B 500 -6.00 11.68 -36.76
C ARG B 500 -5.20 11.08 -35.62
N VAL B 501 -4.20 11.83 -35.16
CA VAL B 501 -3.41 11.46 -33.99
C VAL B 501 -3.40 12.63 -33.00
N CYS B 502 -3.78 12.38 -31.75
CA CYS B 502 -3.76 13.43 -30.74
C CYS B 502 -2.58 13.27 -29.79
N SER B 503 -2.08 14.39 -29.27
CA SER B 503 -0.95 14.38 -28.35
C SER B 503 -1.14 15.41 -27.24
N GLY B 504 -0.60 15.12 -26.07
CA GLY B 504 -0.70 16.03 -24.96
C GLY B 504 0.44 15.82 -23.99
N GLY B 505 0.86 16.90 -23.32
CA GLY B 505 1.97 16.80 -22.39
C GLY B 505 2.07 17.95 -21.41
N LYS B 506 3.30 18.37 -21.15
CA LYS B 506 3.59 19.38 -20.13
C LYS B 506 3.36 20.81 -20.61
N ASP B 507 3.30 21.00 -21.93
CA ASP B 507 3.10 22.32 -22.51
C ASP B 507 1.62 22.73 -22.48
N LYS B 508 0.81 21.95 -21.76
CA LYS B 508 -0.58 22.29 -21.47
C LYS B 508 -1.45 22.51 -22.71
N MET B 509 -1.03 21.96 -23.84
CA MET B 509 -1.77 22.16 -25.09
C MET B 509 -1.96 20.88 -25.89
N VAL B 510 -3.18 20.66 -26.35
CA VAL B 510 -3.50 19.54 -27.21
C VAL B 510 -3.12 19.84 -28.66
N ARG B 511 -2.30 18.97 -29.25
CA ARG B 511 -1.99 19.07 -30.66
C ARG B 511 -2.63 17.92 -31.43
N LEU B 512 -3.36 18.26 -32.49
CA LEU B 512 -3.95 17.27 -33.37
C LEU B 512 -3.09 17.11 -34.63
N TRP B 513 -2.76 15.87 -34.95
CA TRP B 513 -1.86 15.60 -36.07
C TRP B 513 -2.56 14.83 -37.17
N THR B 514 -2.37 15.26 -38.41
CA THR B 514 -3.02 14.60 -39.55
C THR B 514 -2.07 14.49 -40.73
N HIS B 515 -2.49 13.74 -41.75
CA HIS B 515 -1.70 13.57 -42.96
C HIS B 515 -2.18 14.53 -44.05
C1 GOL C . -16.46 -21.74 16.64
O1 GOL C . -16.20 -23.03 17.16
C2 GOL C . -16.36 -21.76 15.11
O2 GOL C . -17.44 -21.08 14.53
C3 GOL C . -15.02 -21.15 14.72
O3 GOL C . -15.02 -20.71 13.38
#